data_9EWY
#
_entry.id   9EWY
#
_cell.length_a   1.00
_cell.length_b   1.00
_cell.length_c   1.00
_cell.angle_alpha   90.00
_cell.angle_beta   90.00
_cell.angle_gamma   90.00
#
_symmetry.space_group_name_H-M   'P 1'
#
loop_
_entity.id
_entity.type
_entity.pdbx_description
1 polymer '[F-actin]-monooxygenase MICAL1'
2 non-polymer 'FLAVIN-ADENINE DINUCLEOTIDE'
3 non-polymer 'ZINC ION'
#
_entity_poly.entity_id   1
_entity_poly.type   'polypeptide(L)'
_entity_poly.pdbx_seq_one_letter_code
;MASPTSTNPAHAHFESFLQAQLCQDVLSSFQELCGALGLEPGGGLPQYHKIKDQLNYWSAKSLWTKLDKRAGQPVYQQGR
ACTSTKCLVVGAGPCGLRVAVELALLGARVVLVEKRTKFSRHNVLHLWPFTIHDLRALGAKKFYGRFCTGTLDHISIRQL
QLLLLKVALLLGVEIHWGVTFTGLQPPPRKGSGWRAQLQPNPPAQLANYEFDVLISAAGGKFVPEGFKVREMRGKLAIGI
TANFVNGRTVEETQVPEISGVARIYNQSFFQSLLKATGIDLENIVYYKDDTHYFVMTAKKQCLLRLGVLRQDWPDTNRLL
GSANVVPEALQRFTRAAADFATHGKLGKLEFAQDAHGQPDVSAFDFTSMMRAESSARVQEKHGARLLLGLVGDCLVEPFW
PLGTGVARGFLAAFDAAWMVKRWAEGAESLEVLAERESLYQLLSQTSPENMHRNVAQYGLDPATRYPNLNLRAVTPNQVR
DLYDVLAKEPVQRNNDKTDTGMPATGSAGTQEELLRWCQEQTAGYPGVHVSDLSSSWADGLALCALVYRLQPGLLEPSEL
QGLGALEATAWALKVAENELGITPVVSAQAVVAGSDPLGLIAYLSHFHSAFKSMAHSPGPVSQASPGTSSAVLFLSKLQR
TLQRSRAKENAEDAGGKKLRLEMEAETPSTEVPPDPEPGVPLTPPSQHQEAGAGDLCALCGEHLYVLERLCVNGHFFHRS
CFRCHTCEATLWPGGYEQHPGDGHFYCLQHLPQTDHKAEGSDRGPESPELPTPSENSMPPGLSTPTASQEGAGPVPDPSQ
PTRRQIRLSSPERQRLSSLNLTPDPEMEPPPKPPRSCSALARHALESSFVGWGLPVQSPQALVAMEKEEKESPFSSEEEE
EDVPLDSDVEQALQTFAKTSGTMNNYPTWRRTLLRRAKEEEMKRFCKAQTIQRRLNEIEAALRELEAEGVKLELALRRQS
SSPEQQKKLWVGQLLQLVDKKNSLVAEEAELMITVQELNLEEKQWQLDQELRGYMNREENLKTAADRQAEDQVLRKLVDL
VNQRDALIRFQEERRLSELALGTGAQG
;
_entity_poly.pdbx_strand_id   A
#
loop_
_chem_comp.id
_chem_comp.type
_chem_comp.name
_chem_comp.formula
FAD non-polymer 'FLAVIN-ADENINE DINUCLEOTIDE' 'C27 H33 N9 O15 P2'
ZN non-polymer 'ZINC ION' 'Zn 2'
#
# COMPACT_ATOMS: atom_id res chain seq x y z
N ASN A 8 -26.44 26.21 36.89
CA ASN A 8 -25.56 25.42 37.72
C ASN A 8 -24.13 25.49 37.22
N PRO A 9 -23.17 25.48 38.16
CA PRO A 9 -21.76 25.44 37.75
C PRO A 9 -21.40 24.21 36.96
N ALA A 10 -22.02 23.07 37.28
CA ALA A 10 -21.73 21.83 36.56
C ALA A 10 -22.14 21.93 35.10
N HIS A 11 -23.27 22.58 34.83
CA HIS A 11 -23.70 22.73 33.44
C HIS A 11 -22.71 23.56 32.63
N ALA A 12 -22.25 24.68 33.20
CA ALA A 12 -21.28 25.52 32.51
C ALA A 12 -19.96 24.78 32.30
N HIS A 13 -19.52 24.04 33.33
CA HIS A 13 -18.29 23.27 33.20
C HIS A 13 -18.42 22.20 32.11
N PHE A 14 -19.57 21.53 32.05
CA PHE A 14 -19.79 20.52 31.02
C PHE A 14 -19.80 21.15 29.63
N GLU A 15 -20.41 22.33 29.48
CA GLU A 15 -20.40 23.01 28.19
C GLU A 15 -18.98 23.38 27.78
N SER A 16 -18.19 23.89 28.72
CA SER A 16 -16.81 24.22 28.40
C SER A 16 -16.00 22.97 28.06
N PHE A 17 -16.30 21.86 28.72
CA PHE A 17 -15.64 20.59 28.41
C PHE A 17 -15.98 20.12 27.00
N LEU A 18 -17.26 20.22 26.62
CA LEU A 18 -17.66 19.80 25.29
C LEU A 18 -17.06 20.68 24.21
N GLN A 19 -17.04 21.99 24.43
CA GLN A 19 -16.68 22.93 23.37
C GLN A 19 -15.18 23.25 23.31
N ALA A 20 -14.37 22.62 24.14
CA ALA A 20 -12.94 22.94 24.16
C ALA A 20 -12.26 22.51 22.87
N GLN A 21 -11.22 23.25 22.49
CA GLN A 21 -10.49 22.98 21.25
C GLN A 21 -9.00 22.76 21.49
N LEU A 22 -8.55 22.73 22.74
CA LEU A 22 -7.16 22.47 23.05
C LEU A 22 -7.07 21.40 24.13
N CYS A 23 -5.98 20.64 24.11
CA CYS A 23 -5.82 19.55 25.07
C CYS A 23 -5.75 20.09 26.50
N GLN A 24 -5.02 21.18 26.71
CA GLN A 24 -4.95 21.77 28.04
C GLN A 24 -6.32 22.28 28.48
N ASP A 25 -7.09 22.86 27.56
CA ASP A 25 -8.43 23.30 27.88
C ASP A 25 -9.32 22.13 28.28
N VAL A 26 -9.22 21.01 27.55
CA VAL A 26 -10.02 19.84 27.89
C VAL A 26 -9.66 19.33 29.28
N LEU A 27 -8.37 19.25 29.57
CA LEU A 27 -7.94 18.76 30.88
C LEU A 27 -8.42 19.68 31.99
N SER A 28 -8.27 21.00 31.81
CA SER A 28 -8.70 21.93 32.85
C SER A 28 -10.21 21.89 33.05
N SER A 29 -10.97 21.81 31.96
CA SER A 29 -12.42 21.75 32.06
C SER A 29 -12.87 20.48 32.77
N PHE A 30 -12.24 19.35 32.45
CA PHE A 30 -12.61 18.11 33.13
C PHE A 30 -12.22 18.15 34.60
N GLN A 31 -11.07 18.76 34.92
CA GLN A 31 -10.69 18.89 36.32
C GLN A 31 -11.69 19.74 37.09
N GLU A 32 -12.11 20.86 36.50
CA GLU A 32 -13.11 21.71 37.15
C GLU A 32 -14.43 20.99 37.31
N LEU A 33 -14.86 20.25 36.28
CA LEU A 33 -16.11 19.51 36.35
C LEU A 33 -16.07 18.44 37.43
N CYS A 34 -14.96 17.72 37.53
CA CYS A 34 -14.84 16.71 38.58
C CYS A 34 -14.75 17.34 39.97
N GLY A 35 -14.15 18.52 40.07
CA GLY A 35 -14.15 19.22 41.35
C GLY A 35 -15.53 19.68 41.75
N ALA A 36 -16.34 20.10 40.77
CA ALA A 36 -17.70 20.55 41.07
C ALA A 36 -18.59 19.41 41.52
N LEU A 37 -18.28 18.18 41.11
CA LEU A 37 -19.06 17.00 41.49
C LEU A 37 -18.43 16.22 42.63
N GLY A 38 -17.35 16.73 43.22
CA GLY A 38 -16.66 16.00 44.26
C GLY A 38 -16.06 14.70 43.77
N LEU A 39 -15.38 14.75 42.63
CA LEU A 39 -14.84 13.55 42.00
C LEU A 39 -13.37 13.73 41.68
N GLU A 40 -12.69 12.60 41.47
CA GLU A 40 -11.32 12.57 41.04
C GLU A 40 -11.23 11.94 39.66
N PRO A 41 -10.60 12.60 38.69
CA PRO A 41 -10.48 12.00 37.35
C PRO A 41 -9.68 10.71 37.39
N GLY A 42 -10.04 9.78 36.52
CA GLY A 42 -9.38 8.49 36.48
C GLY A 42 -10.00 7.42 37.34
N GLY A 43 -11.27 7.57 37.73
CA GLY A 43 -11.90 6.61 38.60
C GLY A 43 -12.46 5.37 37.93
N GLY A 44 -12.41 5.30 36.61
CA GLY A 44 -12.90 4.13 35.90
C GLY A 44 -14.37 4.22 35.57
N LEU A 45 -14.95 3.05 35.31
CA LEU A 45 -16.39 2.98 35.03
C LEU A 45 -17.25 3.52 36.16
N PRO A 46 -16.96 3.28 37.44
CA PRO A 46 -17.82 3.85 38.49
C PRO A 46 -17.98 5.36 38.41
N GLN A 47 -16.93 6.11 38.08
CA GLN A 47 -17.12 7.55 38.01
C GLN A 47 -17.90 7.93 36.76
N TYR A 48 -17.83 7.13 35.69
CA TYR A 48 -18.70 7.38 34.55
C TYR A 48 -20.16 7.21 34.93
N HIS A 49 -20.46 6.16 35.71
CA HIS A 49 -21.83 5.98 36.18
C HIS A 49 -22.25 7.13 37.08
N LYS A 50 -21.36 7.56 37.96
CA LYS A 50 -21.70 8.66 38.88
C LYS A 50 -21.92 9.96 38.11
N ILE A 51 -21.11 10.23 37.10
CA ILE A 51 -21.30 11.43 36.29
C ILE A 51 -22.62 11.37 35.54
N LYS A 52 -22.93 10.22 34.94
CA LYS A 52 -24.17 10.08 34.20
C LYS A 52 -25.38 10.27 35.12
N ASP A 53 -25.30 9.75 36.34
CA ASP A 53 -26.43 9.84 37.25
C ASP A 53 -26.58 11.22 37.86
N GLN A 54 -25.48 11.86 38.26
CA GLN A 54 -25.54 13.12 38.99
C GLN A 54 -25.54 14.35 38.10
N LEU A 55 -25.50 14.18 36.78
CA LEU A 55 -25.52 15.30 35.85
C LEU A 55 -26.86 15.27 35.13
N ASN A 56 -27.82 16.05 35.64
CA ASN A 56 -29.13 16.18 35.01
C ASN A 56 -29.07 17.41 34.11
N TYR A 57 -28.90 17.18 32.81
CA TYR A 57 -28.81 18.25 31.84
C TYR A 57 -30.04 18.38 30.95
N TRP A 58 -30.76 17.29 30.71
CA TRP A 58 -32.01 17.24 29.94
C TRP A 58 -31.80 17.57 28.46
N SER A 59 -30.60 17.97 28.05
CA SER A 59 -30.31 18.22 26.65
C SER A 59 -29.06 17.45 26.24
N ALA A 60 -28.17 17.21 27.20
CA ALA A 60 -27.03 16.32 27.02
C ALA A 60 -27.36 14.90 27.45
N LYS A 61 -28.48 14.38 26.96
CA LYS A 61 -28.98 13.07 27.36
C LYS A 61 -28.82 12.01 26.27
N SER A 62 -28.85 12.40 25.00
CA SER A 62 -28.60 11.45 23.92
C SER A 62 -27.20 10.88 24.00
N LEU A 63 -26.24 11.66 24.50
CA LEU A 63 -24.88 11.17 24.66
C LEU A 63 -24.83 10.00 25.64
N TRP A 64 -25.53 10.11 26.77
CA TRP A 64 -25.58 9.01 27.70
C TRP A 64 -26.29 7.81 27.10
N THR A 65 -27.32 8.04 26.28
CA THR A 65 -28.00 6.94 25.61
C THR A 65 -27.04 6.19 24.71
N LYS A 66 -26.27 6.92 23.90
CA LYS A 66 -25.33 6.28 22.99
C LYS A 66 -24.24 5.53 23.76
N LEU A 67 -23.70 6.14 24.81
CA LEU A 67 -22.63 5.49 25.56
C LEU A 67 -23.14 4.25 26.27
N ASP A 68 -24.35 4.30 26.81
CA ASP A 68 -24.91 3.13 27.49
C ASP A 68 -25.24 2.02 26.50
N LYS A 69 -25.71 2.39 25.30
CA LYS A 69 -25.95 1.37 24.28
C LYS A 69 -24.65 0.71 23.86
N ARG A 70 -23.58 1.49 23.71
CA ARG A 70 -22.29 0.90 23.37
C ARG A 70 -21.77 0.00 24.49
N ALA A 71 -21.89 0.44 25.74
CA ALA A 71 -21.35 -0.31 26.86
C ALA A 71 -22.26 -1.45 27.31
N GLY A 72 -23.47 -1.54 26.78
CA GLY A 72 -24.41 -2.56 27.18
C GLY A 72 -24.36 -3.85 26.39
N GLN A 73 -23.39 -3.99 25.48
CA GLN A 73 -23.30 -5.20 24.68
C GLN A 73 -22.92 -6.39 25.56
N PRO A 74 -23.37 -7.60 25.21
CA PRO A 74 -23.03 -8.77 26.03
C PRO A 74 -21.54 -9.08 26.08
N VAL A 75 -20.77 -8.63 25.09
CA VAL A 75 -19.35 -8.99 25.03
C VAL A 75 -18.61 -8.36 26.21
N TYR A 76 -19.00 -7.15 26.61
CA TYR A 76 -18.34 -6.50 27.73
C TYR A 76 -18.74 -7.09 29.07
N GLN A 77 -19.90 -7.76 29.14
CA GLN A 77 -20.42 -8.32 30.38
C GLN A 77 -20.52 -7.26 31.48
N GLN A 78 -21.03 -6.09 31.11
CA GLN A 78 -21.24 -4.98 32.04
C GLN A 78 -19.96 -4.60 32.77
N GLY A 79 -18.85 -4.55 32.03
CA GLY A 79 -17.57 -4.22 32.62
C GLY A 79 -17.03 -5.24 33.58
N ARG A 80 -17.25 -6.53 33.29
CA ARG A 80 -16.75 -7.61 34.13
C ARG A 80 -15.88 -8.60 33.37
N ALA A 81 -15.67 -8.39 32.06
CA ALA A 81 -14.87 -9.33 31.30
C ALA A 81 -13.41 -9.31 31.72
N CYS A 82 -12.87 -8.12 32.00
CA CYS A 82 -11.47 -7.94 32.35
C CYS A 82 -11.33 -7.14 33.63
N THR A 83 -12.12 -7.51 34.65
CA THR A 83 -12.20 -6.72 35.86
C THR A 83 -10.99 -6.84 36.77
N SER A 84 -10.08 -7.77 36.51
CA SER A 84 -8.94 -7.99 37.40
C SER A 84 -7.60 -7.76 36.71
N THR A 85 -7.59 -7.19 35.51
CA THR A 85 -6.36 -6.98 34.76
C THR A 85 -6.00 -5.50 34.76
N LYS A 86 -4.71 -5.23 34.65
CA LYS A 86 -4.17 -3.87 34.65
C LYS A 86 -3.40 -3.64 33.36
N CYS A 87 -3.71 -2.53 32.69
CA CYS A 87 -3.19 -2.26 31.36
C CYS A 87 -2.38 -0.96 31.35
N LEU A 88 -1.42 -0.88 30.43
CA LEU A 88 -0.67 0.33 30.16
C LEU A 88 -0.65 0.56 28.66
N VAL A 89 -1.15 1.71 28.23
CA VAL A 89 -1.16 2.08 26.82
C VAL A 89 -0.09 3.15 26.61
N VAL A 90 0.77 2.93 25.62
CA VAL A 90 1.83 3.86 25.28
C VAL A 90 1.43 4.62 24.03
N GLY A 91 1.33 5.94 24.14
CA GLY A 91 0.99 6.76 23.00
C GLY A 91 -0.47 7.16 22.99
N ALA A 92 -0.76 8.42 22.66
CA ALA A 92 -2.12 8.95 22.65
C ALA A 92 -2.51 9.45 21.27
N GLY A 93 -2.22 8.66 20.24
CA GLY A 93 -2.73 8.92 18.92
C GLY A 93 -4.16 8.44 18.82
N PRO A 94 -4.74 8.50 17.62
CA PRO A 94 -6.11 7.97 17.47
C PRO A 94 -6.24 6.51 17.86
N CYS A 95 -5.27 5.68 17.47
CA CYS A 95 -5.36 4.25 17.77
C CYS A 95 -5.15 3.97 19.25
N GLY A 96 -4.22 4.69 19.89
CA GLY A 96 -4.03 4.53 21.31
C GLY A 96 -5.26 4.88 22.12
N LEU A 97 -5.88 6.01 21.79
CA LEU A 97 -7.10 6.41 22.49
C LEU A 97 -8.25 5.44 22.20
N ARG A 98 -8.34 4.93 20.98
CA ARG A 98 -9.39 3.98 20.65
C ARG A 98 -9.23 2.69 21.47
N VAL A 99 -8.01 2.16 21.54
CA VAL A 99 -7.80 0.94 22.30
C VAL A 99 -7.98 1.20 23.78
N ALA A 100 -7.64 2.41 24.26
CA ALA A 100 -7.89 2.74 25.65
C ALA A 100 -9.38 2.74 25.96
N VAL A 101 -10.20 3.30 25.07
CA VAL A 101 -11.64 3.29 25.27
C VAL A 101 -12.16 1.86 25.27
N GLU A 102 -11.69 1.04 24.33
CA GLU A 102 -12.14 -0.35 24.27
C GLU A 102 -11.78 -1.10 25.55
N LEU A 103 -10.56 -0.92 26.06
CA LEU A 103 -10.16 -1.60 27.28
C LEU A 103 -10.95 -1.08 28.48
N ALA A 104 -11.25 0.22 28.50
CA ALA A 104 -12.05 0.77 29.58
C ALA A 104 -13.44 0.16 29.62
N LEU A 105 -14.06 0.00 28.45
CA LEU A 105 -15.41 -0.56 28.42
C LEU A 105 -15.44 -1.99 28.97
N LEU A 106 -14.37 -2.76 28.75
CA LEU A 106 -14.33 -4.13 29.26
C LEU A 106 -14.21 -4.19 30.77
N GLY A 107 -13.95 -3.08 31.44
CA GLY A 107 -13.87 -3.06 32.88
C GLY A 107 -12.48 -3.09 33.46
N ALA A 108 -11.45 -2.95 32.63
CA ALA A 108 -10.07 -2.97 33.10
C ALA A 108 -9.63 -1.57 33.54
N ARG A 109 -8.56 -1.53 34.32
CA ARG A 109 -7.94 -0.27 34.70
C ARG A 109 -6.90 0.11 33.65
N VAL A 110 -7.11 1.26 33.01
CA VAL A 110 -6.28 1.69 31.90
C VAL A 110 -5.46 2.90 32.34
N VAL A 111 -4.15 2.83 32.15
CA VAL A 111 -3.26 3.95 32.37
C VAL A 111 -2.58 4.26 31.04
N LEU A 112 -2.73 5.50 30.58
CA LEU A 112 -2.20 5.93 29.30
C LEU A 112 -1.12 6.97 29.53
N VAL A 113 -0.02 6.88 28.77
CA VAL A 113 1.08 7.82 28.87
C VAL A 113 1.35 8.40 27.49
N GLU A 114 1.45 9.72 27.41
CA GLU A 114 1.68 10.43 26.16
C GLU A 114 2.95 11.26 26.29
N LYS A 115 3.83 11.14 25.29
CA LYS A 115 5.08 11.91 25.30
C LYS A 115 4.83 13.40 25.16
N ARG A 116 3.88 13.78 24.30
CA ARG A 116 3.65 15.17 23.97
C ARG A 116 2.69 15.79 24.99
N THR A 117 2.46 17.10 24.86
CA THR A 117 1.48 17.81 25.68
C THR A 117 0.51 18.63 24.85
N LYS A 118 0.51 18.49 23.52
CA LYS A 118 -0.38 19.24 22.66
C LYS A 118 -0.74 18.40 21.45
N PHE A 119 -1.87 18.73 20.83
CA PHE A 119 -2.32 18.11 19.60
C PHE A 119 -2.14 19.13 18.48
N SER A 120 -1.10 18.96 17.69
CA SER A 120 -0.65 19.97 16.74
C SER A 120 -0.45 19.38 15.35
N ARG A 121 -1.42 18.60 14.88
CA ARG A 121 -1.38 18.01 13.55
C ARG A 121 -2.67 18.35 12.83
N HIS A 122 -2.56 18.98 11.67
CA HIS A 122 -3.72 19.46 10.92
C HIS A 122 -4.02 18.65 9.68
N ASN A 123 -3.28 17.57 9.43
CA ASN A 123 -3.52 16.77 8.25
C ASN A 123 -4.84 16.03 8.36
N VAL A 124 -5.37 15.63 7.21
CA VAL A 124 -6.72 15.07 7.10
C VAL A 124 -6.62 13.58 6.79
N LEU A 125 -7.36 12.78 7.54
CA LEU A 125 -7.40 11.34 7.40
C LEU A 125 -8.72 10.93 6.77
N HIS A 126 -8.66 9.91 5.91
CA HIS A 126 -9.84 9.36 5.25
C HIS A 126 -10.48 8.30 6.13
N LEU A 127 -11.81 8.23 6.10
CA LEU A 127 -12.58 7.35 6.97
C LEU A 127 -13.39 6.37 6.15
N TRP A 128 -13.29 5.09 6.51
CA TRP A 128 -14.14 4.06 5.92
C TRP A 128 -15.54 4.15 6.49
N PRO A 129 -16.54 3.56 5.81
CA PRO A 129 -17.91 3.63 6.35
C PRO A 129 -18.07 3.06 7.75
N PHE A 130 -17.40 1.94 8.05
CA PHE A 130 -17.56 1.38 9.38
C PHE A 130 -16.89 2.28 10.42
N THR A 131 -15.80 2.95 10.05
CA THR A 131 -15.18 3.91 10.96
C THR A 131 -16.11 5.08 11.24
N ILE A 132 -16.81 5.56 10.21
CA ILE A 132 -17.74 6.67 10.39
C ILE A 132 -18.88 6.25 11.32
N HIS A 133 -19.44 5.06 11.10
CA HIS A 133 -20.51 4.59 11.96
C HIS A 133 -20.01 4.38 13.39
N ASP A 134 -18.80 3.86 13.54
CA ASP A 134 -18.23 3.63 14.86
C ASP A 134 -18.05 4.93 15.62
N LEU A 135 -17.54 5.97 14.95
CA LEU A 135 -17.37 7.25 15.60
C LEU A 135 -18.72 7.88 15.94
N ARG A 136 -19.70 7.76 15.03
CA ARG A 136 -21.02 8.32 15.30
C ARG A 136 -21.66 7.64 16.50
N ALA A 137 -21.51 6.32 16.62
CA ALA A 137 -22.07 5.59 17.75
C ALA A 137 -21.48 6.03 19.08
N LEU A 138 -20.30 6.64 19.07
CA LEU A 138 -19.68 7.13 20.29
C LEU A 138 -20.11 8.56 20.63
N GLY A 139 -20.92 9.19 19.80
CA GLY A 139 -21.36 10.55 20.05
C GLY A 139 -20.47 11.58 19.40
N ALA A 140 -20.07 11.34 18.16
CA ALA A 140 -19.16 12.25 17.47
C ALA A 140 -19.82 13.58 17.14
N LYS A 141 -21.11 13.57 16.80
CA LYS A 141 -21.79 14.79 16.42
C LYS A 141 -21.84 15.78 17.57
N LYS A 142 -22.04 15.29 18.79
CA LYS A 142 -22.06 16.17 19.95
C LYS A 142 -20.70 16.82 20.18
N PHE A 143 -19.62 16.06 20.06
CA PHE A 143 -18.28 16.61 20.27
C PHE A 143 -17.79 17.43 19.09
N TYR A 144 -18.36 17.23 17.90
CA TYR A 144 -17.86 17.86 16.68
C TYR A 144 -19.06 18.11 15.79
N GLY A 145 -19.44 19.38 15.64
CA GLY A 145 -20.64 19.70 14.90
C GLY A 145 -20.55 19.33 13.42
N ARG A 146 -19.40 19.56 12.81
CA ARG A 146 -19.22 19.35 11.37
C ARG A 146 -18.75 17.95 11.04
N PHE A 147 -19.02 16.97 11.90
CA PHE A 147 -18.52 15.61 11.69
C PHE A 147 -19.33 14.93 10.61
N CYS A 148 -18.75 14.82 9.42
CA CYS A 148 -19.29 14.01 8.33
C CYS A 148 -20.73 14.38 8.01
N THR A 149 -20.92 15.62 7.58
CA THR A 149 -22.22 16.11 7.14
C THR A 149 -22.27 16.08 5.62
N GLY A 150 -23.22 15.34 5.07
CA GLY A 150 -23.33 15.20 3.64
C GLY A 150 -22.49 14.03 3.13
N THR A 151 -21.69 14.29 2.11
CA THR A 151 -20.81 13.29 1.53
C THR A 151 -19.41 13.30 2.12
N LEU A 152 -19.19 14.07 3.18
CA LEU A 152 -17.87 14.21 3.77
C LEU A 152 -17.48 12.91 4.48
N ASP A 153 -16.25 12.44 4.22
CA ASP A 153 -15.78 11.18 4.79
C ASP A 153 -14.31 11.32 5.22
N HIS A 154 -13.99 12.41 5.90
CA HIS A 154 -12.63 12.61 6.37
C HIS A 154 -12.65 13.56 7.56
N ILE A 155 -11.55 13.55 8.32
CA ILE A 155 -11.45 14.34 9.54
C ILE A 155 -9.99 14.64 9.82
N SER A 156 -9.72 15.81 10.38
CA SER A 156 -8.34 16.14 10.72
C SER A 156 -7.87 15.30 11.91
N ILE A 157 -6.56 15.18 12.05
CA ILE A 157 -5.99 14.31 13.08
C ILE A 157 -6.33 14.84 14.46
N ARG A 158 -6.17 16.15 14.67
CA ARG A 158 -6.35 16.71 15.99
C ARG A 158 -7.82 16.66 16.44
N GLN A 159 -8.76 16.81 15.51
CA GLN A 159 -10.16 16.72 15.88
C GLN A 159 -10.51 15.31 16.35
N LEU A 160 -10.03 14.29 15.64
CA LEU A 160 -10.25 12.91 16.07
C LEU A 160 -9.60 12.66 17.42
N GLN A 161 -8.39 13.17 17.62
CA GLN A 161 -7.72 13.00 18.90
C GLN A 161 -8.51 13.65 20.03
N LEU A 162 -9.04 14.85 19.82
CA LEU A 162 -9.83 15.52 20.84
C LEU A 162 -11.12 14.77 21.15
N LEU A 163 -11.79 14.28 20.11
CA LEU A 163 -13.02 13.51 20.32
C LEU A 163 -12.75 12.28 21.17
N LEU A 164 -11.74 11.50 20.78
CA LEU A 164 -11.44 10.29 21.54
C LEU A 164 -10.92 10.61 22.94
N LEU A 165 -10.21 11.73 23.10
CA LEU A 165 -9.76 12.12 24.43
C LEU A 165 -10.94 12.46 25.33
N LYS A 166 -11.92 13.18 24.81
CA LYS A 166 -13.11 13.48 25.62
C LYS A 166 -13.84 12.21 26.01
N VAL A 167 -14.00 11.27 25.08
CA VAL A 167 -14.68 10.02 25.40
C VAL A 167 -13.92 9.24 26.46
N ALA A 168 -12.58 9.14 26.30
CA ALA A 168 -11.78 8.39 27.25
C ALA A 168 -11.80 9.04 28.63
N LEU A 169 -11.75 10.37 28.68
CA LEU A 169 -11.83 11.06 29.96
C LEU A 169 -13.16 10.81 30.64
N LEU A 170 -14.25 10.82 29.87
CA LEU A 170 -15.56 10.51 30.46
C LEU A 170 -15.59 9.10 31.00
N LEU A 171 -15.02 8.13 30.28
CA LEU A 171 -15.08 6.74 30.70
C LEU A 171 -14.17 6.44 31.88
N GLY A 172 -13.33 7.38 32.32
CA GLY A 172 -12.49 7.16 33.48
C GLY A 172 -11.17 6.50 33.18
N VAL A 173 -10.38 7.11 32.30
CA VAL A 173 -9.05 6.63 31.95
C VAL A 173 -8.03 7.63 32.48
N GLU A 174 -7.01 7.13 33.18
CA GLU A 174 -5.97 7.98 33.73
C GLU A 174 -4.92 8.26 32.66
N ILE A 175 -4.66 9.53 32.38
CA ILE A 175 -3.76 9.94 31.31
C ILE A 175 -2.67 10.84 31.90
N HIS A 176 -1.42 10.55 31.55
CA HIS A 176 -0.27 11.32 31.98
C HIS A 176 0.42 11.88 30.74
N TRP A 177 0.69 13.18 30.75
CA TRP A 177 1.28 13.87 29.62
C TRP A 177 2.72 14.26 29.91
N GLY A 178 3.53 14.33 28.86
CA GLY A 178 4.93 14.67 29.00
C GLY A 178 5.82 13.54 29.45
N VAL A 179 5.30 12.34 29.58
CA VAL A 179 6.06 11.19 30.05
C VAL A 179 6.38 10.31 28.85
N THR A 180 7.66 9.93 28.72
CA THR A 180 8.12 9.13 27.60
C THR A 180 8.47 7.73 28.09
N PHE A 181 7.84 6.72 27.49
CA PHE A 181 8.14 5.33 27.79
C PHE A 181 9.44 4.93 27.08
N THR A 182 10.34 4.29 27.82
CA THR A 182 11.63 3.91 27.25
C THR A 182 11.91 2.41 27.29
N GLY A 183 11.35 1.69 28.26
CA GLY A 183 11.62 0.27 28.37
C GLY A 183 10.84 -0.31 29.53
N LEU A 184 11.04 -1.61 29.74
CA LEU A 184 10.35 -2.36 30.78
C LEU A 184 11.30 -2.67 31.92
N GLN A 185 10.77 -2.63 33.14
CA GLN A 185 11.52 -3.06 34.31
C GLN A 185 11.06 -4.45 34.69
N PRO A 186 11.89 -5.48 34.48
CA PRO A 186 11.47 -6.83 34.83
C PRO A 186 11.35 -6.98 36.34
N PRO A 187 10.49 -7.86 36.82
CA PRO A 187 10.40 -8.12 38.25
C PRO A 187 11.66 -8.80 38.76
N PRO A 188 12.29 -8.26 39.79
CA PRO A 188 13.53 -8.87 40.28
C PRO A 188 13.27 -9.96 41.31
N ARG A 189 12.07 -9.97 41.88
CA ARG A 189 11.75 -10.86 42.98
C ARG A 189 10.39 -11.49 42.73
N LYS A 190 10.19 -12.66 43.32
CA LYS A 190 8.91 -13.35 43.20
C LYS A 190 7.80 -12.52 43.85
N GLY A 191 6.62 -12.57 43.23
CA GLY A 191 5.46 -11.86 43.75
C GLY A 191 5.34 -10.42 43.34
N SER A 192 6.19 -9.92 42.45
CA SER A 192 6.12 -8.55 41.97
C SER A 192 5.83 -8.53 40.48
N GLY A 193 5.13 -7.48 40.05
CA GLY A 193 4.77 -7.32 38.66
C GLY A 193 5.82 -6.57 37.86
N TRP A 194 5.43 -6.18 36.66
CA TRP A 194 6.29 -5.42 35.77
C TRP A 194 6.09 -3.92 35.98
N ARG A 195 7.12 -3.16 35.63
CA ARG A 195 7.05 -1.71 35.68
C ARG A 195 7.71 -1.14 34.43
N ALA A 196 7.37 0.11 34.12
CA ALA A 196 7.85 0.77 32.91
C ALA A 196 8.87 1.85 33.26
N GLN A 197 9.93 1.91 32.48
CA GLN A 197 10.91 3.00 32.61
C GLN A 197 10.38 4.23 31.90
N LEU A 198 10.30 5.34 32.62
CA LEU A 198 9.71 6.56 32.11
C LEU A 198 10.65 7.74 32.30
N GLN A 199 10.74 8.60 31.30
CA GLN A 199 11.58 9.77 31.33
C GLN A 199 10.75 11.01 31.06
N PRO A 200 10.86 12.06 31.88
CA PRO A 200 11.73 12.12 33.07
C PRO A 200 11.13 11.41 34.27
N ASN A 201 11.62 11.73 35.46
CA ASN A 201 11.17 11.05 36.67
C ASN A 201 9.66 11.27 36.85
N PRO A 202 8.87 10.22 36.95
CA PRO A 202 7.43 10.37 37.05
C PRO A 202 6.98 10.45 38.50
N PRO A 203 5.72 10.83 38.74
CA PRO A 203 5.21 10.79 40.12
C PRO A 203 5.24 9.38 40.68
N ALA A 204 5.43 9.29 41.99
CA ALA A 204 5.61 7.98 42.64
C ALA A 204 4.43 7.06 42.38
N GLN A 205 3.22 7.62 42.23
CA GLN A 205 2.07 6.78 41.92
C GLN A 205 2.22 6.12 40.56
N LEU A 206 2.73 6.85 39.57
CA LEU A 206 2.89 6.28 38.24
C LEU A 206 4.09 5.33 38.19
N ALA A 207 5.21 5.73 38.80
CA ALA A 207 6.41 4.90 38.75
C ALA A 207 6.25 3.60 39.51
N ASN A 208 5.34 3.55 40.48
CA ASN A 208 5.06 2.34 41.24
C ASN A 208 3.74 1.70 40.82
N TYR A 209 3.48 1.68 39.51
CA TYR A 209 2.28 1.08 38.95
C TYR A 209 2.68 -0.19 38.21
N GLU A 210 2.10 -1.32 38.59
CA GLU A 210 2.40 -2.61 37.99
C GLU A 210 1.24 -3.05 37.11
N PHE A 211 1.55 -3.43 35.88
CA PHE A 211 0.54 -3.74 34.88
C PHE A 211 0.67 -5.18 34.41
N ASP A 212 -0.42 -5.70 33.84
CA ASP A 212 -0.46 -7.03 33.27
C ASP A 212 -0.45 -7.03 31.76
N VAL A 213 -0.90 -5.94 31.12
CA VAL A 213 -0.96 -5.83 29.67
C VAL A 213 -0.24 -4.56 29.25
N LEU A 214 0.54 -4.63 28.18
CA LEU A 214 1.20 -3.46 27.62
C LEU A 214 0.82 -3.34 26.14
N ILE A 215 0.09 -2.29 25.80
CA ILE A 215 -0.32 -2.03 24.43
C ILE A 215 0.45 -0.82 23.94
N SER A 216 1.29 -1.02 22.93
CA SER A 216 2.11 0.05 22.38
C SER A 216 1.42 0.62 21.16
N ALA A 217 1.15 1.92 21.18
CA ALA A 217 0.54 2.63 20.06
C ALA A 217 1.31 3.90 19.78
N ALA A 218 2.65 3.82 19.81
CA ALA A 218 3.49 4.97 19.58
C ALA A 218 3.62 5.34 18.12
N GLY A 219 3.15 4.48 17.21
CA GLY A 219 3.17 4.81 15.80
C GLY A 219 4.58 4.95 15.27
N GLY A 220 4.65 5.49 14.05
CA GLY A 220 5.93 5.81 13.45
C GLY A 220 6.81 4.59 13.34
N LYS A 221 8.02 4.69 13.87
CA LYS A 221 8.99 3.61 13.84
C LYS A 221 9.34 3.08 15.23
N PHE A 222 8.74 3.61 16.29
CA PHE A 222 8.99 3.08 17.62
C PHE A 222 8.52 1.64 17.70
N VAL A 223 9.27 0.83 18.46
CA VAL A 223 8.92 -0.57 18.63
C VAL A 223 9.55 -1.09 19.91
N PRO A 224 8.81 -1.79 20.76
CA PRO A 224 9.40 -2.35 21.98
C PRO A 224 10.42 -3.43 21.66
N GLU A 225 11.37 -3.59 22.56
CA GLU A 225 12.41 -4.61 22.39
C GLU A 225 11.80 -6.00 22.39
N GLY A 226 12.32 -6.87 21.54
CA GLY A 226 11.80 -8.20 21.36
C GLY A 226 10.95 -8.39 20.12
N PHE A 227 10.56 -7.30 19.46
CA PHE A 227 9.76 -7.37 18.24
C PHE A 227 10.68 -7.22 17.03
N LYS A 228 10.39 -8.00 15.99
CA LYS A 228 11.14 -7.95 14.74
C LYS A 228 10.29 -7.26 13.69
N VAL A 229 10.88 -6.27 13.02
CA VAL A 229 10.19 -5.49 12.00
C VAL A 229 10.96 -5.57 10.69
N ARG A 230 10.24 -5.71 9.59
CA ARG A 230 10.83 -5.72 8.26
C ARG A 230 10.14 -4.66 7.42
N GLU A 231 10.90 -4.05 6.51
CA GLU A 231 10.40 -2.97 5.69
C GLU A 231 10.20 -3.45 4.25
N MET A 232 9.08 -3.05 3.66
CA MET A 232 8.83 -3.26 2.24
C MET A 232 9.22 -1.97 1.51
N ARG A 233 10.17 -2.10 0.59
CA ARG A 233 10.75 -0.96 -0.08
C ARG A 233 10.06 -0.71 -1.42
N GLY A 234 10.43 0.40 -2.05
CA GLY A 234 9.87 0.73 -3.35
C GLY A 234 10.78 1.71 -4.06
N LYS A 235 10.28 2.21 -5.18
CA LYS A 235 10.99 3.26 -5.90
C LYS A 235 10.99 4.54 -5.06
N LEU A 236 12.02 5.36 -5.26
CA LEU A 236 12.14 6.60 -4.52
C LEU A 236 11.00 7.55 -4.87
N ALA A 237 10.20 7.90 -3.86
CA ALA A 237 9.10 8.83 -4.02
C ALA A 237 9.19 9.89 -2.92
N ILE A 238 8.87 11.14 -3.26
CA ILE A 238 8.93 12.23 -2.30
C ILE A 238 7.52 12.78 -2.13
N GLY A 239 6.97 12.63 -0.93
CA GLY A 239 5.63 13.12 -0.66
C GLY A 239 5.65 14.55 -0.16
N ILE A 240 4.60 15.29 -0.50
CA ILE A 240 4.47 16.69 -0.09
C ILE A 240 3.06 16.91 0.42
N THR A 241 2.94 17.47 1.62
CA THR A 241 1.66 17.78 2.23
C THR A 241 1.56 19.27 2.51
N ALA A 242 0.35 19.81 2.35
CA ALA A 242 0.16 21.23 2.56
C ALA A 242 -1.27 21.51 3.01
N ASN A 243 -1.41 22.56 3.82
CA ASN A 243 -2.69 22.99 4.35
C ASN A 243 -2.87 24.48 4.05
N PHE A 244 -4.04 24.84 3.52
CA PHE A 244 -4.38 26.23 3.25
C PHE A 244 -5.62 26.61 4.04
N VAL A 245 -5.68 27.87 4.47
CA VAL A 245 -6.79 28.32 5.29
C VAL A 245 -8.07 28.32 4.47
N ASN A 246 -9.12 27.74 5.05
CA ASN A 246 -10.42 27.64 4.39
C ASN A 246 -11.30 28.80 4.83
N GLY A 247 -11.70 29.64 3.87
CA GLY A 247 -12.51 30.79 4.18
C GLY A 247 -13.99 30.53 4.34
N ARG A 248 -14.45 29.32 4.03
CA ARG A 248 -15.84 28.90 4.18
C ARG A 248 -16.82 29.75 3.38
N THR A 249 -16.33 30.46 2.36
CA THR A 249 -17.24 31.19 1.50
C THR A 249 -17.94 30.22 0.55
N VAL A 250 -19.00 30.71 -0.10
CA VAL A 250 -19.77 29.84 -0.98
C VAL A 250 -18.92 29.38 -2.15
N GLU A 251 -18.17 30.29 -2.76
CA GLU A 251 -17.37 29.96 -3.93
C GLU A 251 -16.39 28.84 -3.63
N GLU A 252 -15.78 28.85 -2.45
CA GLU A 252 -14.94 27.74 -2.04
C GLU A 252 -15.75 26.46 -1.83
N THR A 253 -17.04 26.58 -1.51
CA THR A 253 -17.83 25.38 -1.31
C THR A 253 -18.22 24.72 -2.64
N GLN A 254 -18.44 25.50 -3.71
CA GLN A 254 -18.74 24.80 -4.96
C GLN A 254 -17.52 24.15 -5.60
N VAL A 255 -16.32 24.37 -5.08
CA VAL A 255 -15.12 23.75 -5.66
C VAL A 255 -15.18 22.24 -5.42
N PRO A 256 -15.14 21.43 -6.48
CA PRO A 256 -15.21 19.98 -6.30
C PRO A 256 -13.84 19.38 -6.01
N GLU A 257 -13.84 18.38 -5.13
CA GLU A 257 -12.61 17.67 -4.82
C GLU A 257 -12.14 16.85 -6.02
N ILE A 258 -10.82 16.77 -6.19
CA ILE A 258 -10.22 16.04 -7.30
C ILE A 258 -9.16 15.11 -6.76
N SER A 259 -8.80 14.13 -7.59
CA SER A 259 -7.75 13.19 -7.26
C SER A 259 -7.26 12.54 -8.55
N GLY A 260 -6.01 12.12 -8.54
CA GLY A 260 -5.43 11.53 -9.74
C GLY A 260 -4.22 10.70 -9.44
N VAL A 261 -3.96 9.72 -10.31
CA VAL A 261 -2.83 8.80 -10.18
C VAL A 261 -2.14 8.72 -11.54
N ALA A 262 -0.97 9.34 -11.66
CA ALA A 262 0.00 9.13 -12.73
C ALA A 262 -0.61 8.82 -14.09
N ARG A 263 -0.35 7.60 -14.57
CA ARG A 263 -0.78 7.17 -15.89
C ARG A 263 -1.90 6.13 -15.83
N ILE A 264 -2.62 6.07 -14.72
CA ILE A 264 -3.63 5.03 -14.49
C ILE A 264 -5.01 5.63 -14.32
N TYR A 265 -5.14 6.70 -13.55
CA TYR A 265 -6.42 7.31 -13.24
C TYR A 265 -6.30 8.82 -13.41
N ASN A 266 -7.14 9.39 -14.28
CA ASN A 266 -7.19 10.83 -14.51
C ASN A 266 -5.83 11.35 -14.98
N GLN A 267 -5.42 10.89 -16.16
CA GLN A 267 -4.11 11.21 -16.71
C GLN A 267 -4.05 12.61 -17.32
N SER A 268 -5.16 13.08 -17.89
CA SER A 268 -5.16 14.38 -18.56
C SER A 268 -4.76 15.50 -17.62
N PHE A 269 -5.13 15.39 -16.34
CA PHE A 269 -4.71 16.39 -15.36
C PHE A 269 -3.20 16.46 -15.27
N PHE A 270 -2.54 15.30 -15.17
CA PHE A 270 -1.09 15.28 -15.05
C PHE A 270 -0.41 15.79 -16.31
N GLN A 271 -0.94 15.40 -17.48
CA GLN A 271 -0.35 15.89 -18.73
C GLN A 271 -0.47 17.39 -18.84
N SER A 272 -1.65 17.94 -18.54
CA SER A 272 -1.84 19.38 -18.60
C SER A 272 -0.96 20.11 -17.58
N LEU A 273 -0.85 19.56 -16.38
CA LEU A 273 -0.03 20.20 -15.35
C LEU A 273 1.44 20.22 -15.74
N LEU A 274 1.94 19.13 -16.33
CA LEU A 274 3.31 19.13 -16.82
C LEU A 274 3.48 20.11 -17.96
N LYS A 275 2.54 20.14 -18.91
CA LYS A 275 2.69 21.02 -20.07
C LYS A 275 2.67 22.49 -19.67
N ALA A 276 1.78 22.87 -18.75
CA ALA A 276 1.59 24.28 -18.42
C ALA A 276 2.66 24.77 -17.44
N THR A 277 2.70 24.19 -16.25
CA THR A 277 3.52 24.71 -15.18
C THR A 277 4.89 24.05 -15.09
N GLY A 278 5.03 22.84 -15.63
CA GLY A 278 6.27 22.10 -15.47
C GLY A 278 6.36 21.31 -14.19
N ILE A 279 5.23 21.00 -13.57
CA ILE A 279 5.19 20.25 -12.32
C ILE A 279 5.04 18.78 -12.67
N ASP A 280 5.97 17.96 -12.25
CA ASP A 280 6.00 16.53 -12.58
C ASP A 280 5.58 15.75 -11.33
N LEU A 281 4.33 15.29 -11.31
CA LEU A 281 3.77 14.60 -10.17
C LEU A 281 3.47 13.15 -10.51
N GLU A 282 3.30 12.35 -9.46
CA GLU A 282 2.92 10.95 -9.59
C GLU A 282 1.51 10.66 -9.14
N ASN A 283 1.02 11.36 -8.11
CA ASN A 283 -0.37 11.28 -7.71
C ASN A 283 -0.69 12.51 -6.87
N ILE A 284 -1.99 12.82 -6.80
CA ILE A 284 -2.45 13.98 -6.05
C ILE A 284 -3.83 13.69 -5.47
N VAL A 285 -4.05 14.15 -4.24
CA VAL A 285 -5.33 14.05 -3.55
C VAL A 285 -5.61 15.37 -2.86
N TYR A 286 -6.87 15.81 -2.93
CA TYR A 286 -7.31 17.07 -2.33
C TYR A 286 -8.51 16.82 -1.43
N TYR A 287 -8.53 17.48 -0.27
CA TYR A 287 -9.58 17.32 0.72
C TYR A 287 -10.07 18.69 1.17
N LYS A 288 -11.39 18.87 1.22
CA LYS A 288 -11.99 20.11 1.67
C LYS A 288 -12.47 19.97 3.12
N ASP A 289 -11.51 19.87 4.02
CA ASP A 289 -11.78 19.77 5.44
C ASP A 289 -11.67 21.18 6.04
N ASP A 290 -11.57 21.30 7.37
CA ASP A 290 -11.38 22.59 8.02
C ASP A 290 -10.29 23.42 7.35
N THR A 291 -9.30 22.77 6.74
CA THR A 291 -8.34 23.43 5.89
C THR A 291 -8.30 22.70 4.56
N HIS A 292 -8.01 23.44 3.49
CA HIS A 292 -7.78 22.82 2.20
C HIS A 292 -6.52 21.98 2.28
N TYR A 293 -6.66 20.67 2.23
CA TYR A 293 -5.54 19.75 2.41
C TYR A 293 -5.14 19.19 1.07
N PHE A 294 -3.85 19.30 0.73
CA PHE A 294 -3.30 18.74 -0.49
C PHE A 294 -2.20 17.77 -0.13
N VAL A 295 -2.24 16.57 -0.73
CA VAL A 295 -1.14 15.62 -0.62
C VAL A 295 -0.76 15.18 -2.02
N MET A 296 0.54 15.15 -2.31
CA MET A 296 0.99 14.82 -3.65
C MET A 296 2.30 14.06 -3.58
N THR A 297 2.61 13.38 -4.66
CA THR A 297 3.88 12.66 -4.80
C THR A 297 4.67 13.23 -5.96
N ALA A 298 5.96 13.47 -5.74
CA ALA A 298 6.83 14.06 -6.74
C ALA A 298 8.14 13.28 -6.79
N LYS A 299 8.82 13.44 -7.92
CA LYS A 299 10.08 12.76 -8.19
C LYS A 299 11.26 13.71 -8.00
N LYS A 300 12.45 13.11 -7.90
CA LYS A 300 13.65 13.87 -7.58
C LYS A 300 14.00 14.87 -8.68
N GLN A 301 13.80 14.47 -9.94
CA GLN A 301 14.26 15.30 -11.06
C GLN A 301 13.55 16.65 -11.09
N CYS A 302 12.23 16.65 -10.93
CA CYS A 302 11.48 17.91 -10.96
C CYS A 302 11.86 18.80 -9.78
N LEU A 303 12.02 18.22 -8.60
CA LEU A 303 12.39 19.00 -7.42
C LEU A 303 13.77 19.63 -7.60
N LEU A 304 14.71 18.87 -8.17
CA LEU A 304 16.03 19.43 -8.45
C LEU A 304 15.95 20.55 -9.49
N ARG A 305 15.16 20.35 -10.54
CA ARG A 305 15.06 21.35 -11.58
C ARG A 305 14.47 22.65 -11.05
N LEU A 306 13.44 22.56 -10.21
CA LEU A 306 12.73 23.75 -9.76
C LEU A 306 13.39 24.41 -8.56
N GLY A 307 14.46 23.85 -8.02
CA GLY A 307 15.14 24.46 -6.90
C GLY A 307 14.57 24.15 -5.54
N VAL A 308 13.60 23.23 -5.45
CA VAL A 308 13.08 22.84 -4.15
C VAL A 308 14.16 22.13 -3.33
N LEU A 309 15.01 21.36 -4.00
CA LEU A 309 16.13 20.69 -3.36
C LEU A 309 17.44 21.27 -3.88
N ARG A 310 18.43 21.35 -3.00
CA ARG A 310 19.70 21.96 -3.39
C ARG A 310 20.58 20.99 -4.18
N GLN A 311 20.98 19.89 -3.56
CA GLN A 311 21.92 18.96 -4.16
C GLN A 311 21.33 17.55 -4.20
N ASP A 312 21.84 16.75 -5.14
CA ASP A 312 21.38 15.37 -5.34
C ASP A 312 22.21 14.44 -4.48
N TRP A 313 21.89 14.43 -3.18
CA TRP A 313 22.59 13.54 -2.26
C TRP A 313 22.02 12.13 -2.38
N PRO A 314 22.87 11.12 -2.60
CA PRO A 314 22.35 9.75 -2.70
C PRO A 314 21.64 9.27 -1.45
N ASP A 315 22.04 9.75 -0.28
CA ASP A 315 21.38 9.37 0.97
C ASP A 315 20.02 10.06 1.06
N THR A 316 18.95 9.29 1.03
CA THR A 316 17.61 9.88 1.05
C THR A 316 17.33 10.58 2.38
N ASN A 317 17.96 10.13 3.46
CA ASN A 317 17.77 10.80 4.74
C ASN A 317 18.33 12.22 4.70
N ARG A 318 19.52 12.40 4.11
CA ARG A 318 20.08 13.73 3.94
C ARG A 318 19.47 14.48 2.76
N LEU A 319 18.84 13.75 1.83
CA LEU A 319 18.24 14.39 0.66
C LEU A 319 17.07 15.27 1.06
N LEU A 320 16.26 14.82 2.02
CA LEU A 320 15.08 15.55 2.46
C LEU A 320 15.26 16.21 3.81
N GLY A 321 16.50 16.37 4.26
CA GLY A 321 16.74 17.02 5.53
C GLY A 321 16.39 18.50 5.51
N SER A 322 16.27 19.06 6.70
CA SER A 322 15.89 20.47 6.80
C SER A 322 16.93 21.38 6.17
N ALA A 323 18.19 20.96 6.16
CA ALA A 323 19.25 21.75 5.56
C ALA A 323 19.29 21.66 4.04
N ASN A 324 18.51 20.77 3.44
CA ASN A 324 18.53 20.56 2.00
C ASN A 324 17.34 21.16 1.27
N VAL A 325 16.22 21.38 1.95
CA VAL A 325 15.01 21.89 1.32
C VAL A 325 14.98 23.40 1.43
N VAL A 326 14.38 24.05 0.45
CA VAL A 326 14.22 25.50 0.42
C VAL A 326 12.75 25.81 0.71
N PRO A 327 12.43 26.38 1.87
CA PRO A 327 11.01 26.60 2.20
C PRO A 327 10.27 27.47 1.21
N GLU A 328 10.92 28.50 0.66
CA GLU A 328 10.23 29.39 -0.28
C GLU A 328 9.97 28.68 -1.61
N ALA A 329 10.95 27.94 -2.10
CA ALA A 329 10.75 27.17 -3.32
C ALA A 329 9.65 26.13 -3.13
N LEU A 330 9.64 25.47 -1.97
CA LEU A 330 8.59 24.51 -1.67
C LEU A 330 7.22 25.16 -1.63
N GLN A 331 7.13 26.35 -1.02
CA GLN A 331 5.86 27.05 -0.95
C GLN A 331 5.36 27.44 -2.34
N ARG A 332 6.26 27.94 -3.19
CA ARG A 332 5.85 28.29 -4.56
C ARG A 332 5.43 27.05 -5.34
N PHE A 333 6.18 25.96 -5.19
CA PHE A 333 5.84 24.69 -5.83
C PHE A 333 4.42 24.25 -5.46
N THR A 334 4.14 24.21 -4.15
CA THR A 334 2.84 23.76 -3.69
C THR A 334 1.73 24.71 -4.10
N ARG A 335 1.97 26.03 -4.03
CA ARG A 335 0.94 26.98 -4.43
C ARG A 335 0.60 26.83 -5.90
N ALA A 336 1.61 26.66 -6.76
CA ALA A 336 1.35 26.46 -8.18
C ALA A 336 0.56 25.19 -8.42
N ALA A 337 0.95 24.08 -7.78
CA ALA A 337 0.24 22.83 -7.98
C ALA A 337 -1.22 22.95 -7.52
N ALA A 338 -1.43 23.57 -6.35
CA ALA A 338 -2.78 23.69 -5.82
C ALA A 338 -3.66 24.61 -6.67
N ASP A 339 -3.11 25.73 -7.13
CA ASP A 339 -3.94 26.66 -7.90
C ASP A 339 -4.19 26.16 -9.32
N PHE A 340 -3.31 25.32 -9.86
CA PHE A 340 -3.65 24.66 -11.12
C PHE A 340 -4.67 23.55 -10.90
N ALA A 341 -4.63 22.87 -9.76
CA ALA A 341 -5.55 21.76 -9.52
C ALA A 341 -6.99 22.24 -9.46
N THR A 342 -7.25 23.37 -8.82
CA THR A 342 -8.61 23.84 -8.59
C THR A 342 -9.02 24.96 -9.55
N HIS A 343 -8.35 25.08 -10.70
CA HIS A 343 -8.67 26.07 -11.71
C HIS A 343 -8.59 27.49 -11.19
N GLY A 344 -7.88 27.71 -10.09
CA GLY A 344 -7.82 29.04 -9.52
C GLY A 344 -9.11 29.52 -8.90
N LYS A 345 -10.07 28.62 -8.68
CA LYS A 345 -11.35 29.02 -8.10
C LYS A 345 -11.23 29.35 -6.62
N LEU A 346 -10.22 28.82 -5.94
CA LEU A 346 -10.03 29.12 -4.52
C LEU A 346 -9.54 30.53 -4.28
N GLY A 347 -9.17 31.27 -5.33
CA GLY A 347 -8.68 32.61 -5.13
C GLY A 347 -7.26 32.60 -4.57
N LYS A 348 -6.95 33.63 -3.79
CA LYS A 348 -5.63 33.72 -3.16
C LYS A 348 -5.52 32.67 -2.06
N LEU A 349 -4.51 31.81 -2.17
CA LEU A 349 -4.29 30.77 -1.18
C LEU A 349 -3.24 31.24 -0.18
N GLU A 350 -3.56 31.14 1.11
CA GLU A 350 -2.69 31.58 2.17
C GLU A 350 -2.43 30.41 3.12
N PHE A 351 -1.16 30.09 3.33
CA PHE A 351 -0.79 28.90 4.08
C PHE A 351 -1.24 29.01 5.54
N ALA A 352 -1.68 27.89 6.10
CA ALA A 352 -1.95 27.83 7.52
C ALA A 352 -0.62 27.76 8.29
N GLN A 353 -0.71 28.06 9.58
CA GLN A 353 0.47 28.11 10.43
C GLN A 353 0.55 26.84 11.28
N ASP A 354 1.76 26.30 11.41
CA ASP A 354 1.98 25.15 12.26
C ASP A 354 2.34 25.65 13.67
N ALA A 355 2.78 24.73 14.54
CA ALA A 355 3.05 25.07 15.93
C ALA A 355 4.17 26.08 16.09
N HIS A 356 5.06 26.21 15.10
CA HIS A 356 6.19 27.11 15.18
C HIS A 356 5.97 28.41 14.40
N GLY A 357 4.78 28.61 13.84
CA GLY A 357 4.50 29.82 13.09
C GLY A 357 4.90 29.78 11.63
N GLN A 358 5.56 28.71 11.18
CA GLN A 358 5.92 28.57 9.79
C GLN A 358 4.70 28.20 8.95
N PRO A 359 4.77 28.38 7.63
CA PRO A 359 3.71 27.85 6.77
C PRO A 359 3.62 26.34 6.86
N ASP A 360 2.40 25.83 6.73
CA ASP A 360 2.13 24.40 6.90
C ASP A 360 2.31 23.68 5.57
N VAL A 361 3.56 23.54 5.17
CA VAL A 361 3.96 22.75 4.01
C VAL A 361 5.16 21.91 4.40
N SER A 362 5.14 20.63 4.03
CA SER A 362 6.22 19.75 4.45
C SER A 362 6.44 18.66 3.42
N ALA A 363 7.64 18.07 3.47
CA ALA A 363 8.05 16.99 2.59
C ALA A 363 8.41 15.75 3.41
N PHE A 364 8.09 14.58 2.87
CA PHE A 364 8.24 13.32 3.58
C PHE A 364 8.81 12.27 2.63
N ASP A 365 9.40 11.24 3.22
CA ASP A 365 9.89 10.08 2.49
C ASP A 365 8.76 9.07 2.35
N PHE A 366 8.43 8.70 1.10
CA PHE A 366 7.35 7.76 0.83
C PHE A 366 7.87 6.44 0.26
N THR A 367 9.13 6.11 0.50
CA THR A 367 9.73 4.97 -0.17
C THR A 367 9.31 3.65 0.46
N SER A 368 9.66 3.43 1.71
CA SER A 368 9.53 2.13 2.35
C SER A 368 8.57 2.20 3.53
N MET A 369 7.83 1.12 3.75
CA MET A 369 6.88 1.01 4.85
C MET A 369 7.28 -0.15 5.75
N MET A 370 7.39 0.12 7.05
CA MET A 370 7.72 -0.91 8.02
C MET A 370 6.49 -1.73 8.38
N ARG A 371 6.73 -2.98 8.80
CA ARG A 371 5.67 -3.80 9.37
C ARG A 371 6.31 -4.88 10.23
N ALA A 372 5.67 -5.17 11.36
CA ALA A 372 6.20 -6.17 12.28
C ALA A 372 5.82 -7.57 11.84
N GLU A 373 6.71 -8.52 12.12
CA GLU A 373 6.44 -9.90 11.77
C GLU A 373 5.30 -10.48 12.60
N SER A 374 5.21 -10.08 13.87
CA SER A 374 4.14 -10.51 14.74
C SER A 374 3.58 -9.31 15.48
N SER A 375 2.31 -9.40 15.87
CA SER A 375 1.62 -8.32 16.54
C SER A 375 1.44 -8.56 18.04
N ALA A 376 2.01 -9.63 18.57
CA ALA A 376 1.83 -9.93 19.98
C ALA A 376 2.99 -10.77 20.48
N ARG A 377 3.32 -10.60 21.76
CA ARG A 377 4.37 -11.36 22.40
C ARG A 377 4.04 -11.56 23.87
N VAL A 378 4.65 -12.57 24.47
CA VAL A 378 4.47 -12.87 25.88
C VAL A 378 5.85 -13.01 26.52
N GLN A 379 6.01 -12.42 27.70
CA GLN A 379 7.27 -12.50 28.44
C GLN A 379 6.98 -12.93 29.87
N GLU A 380 7.67 -13.97 30.33
CA GLU A 380 7.44 -14.53 31.66
C GLU A 380 8.72 -14.46 32.48
N LYS A 381 8.58 -13.98 33.71
CA LYS A 381 9.70 -13.94 34.65
C LYS A 381 9.16 -14.09 36.06
N HIS A 382 9.79 -14.99 36.82
CA HIS A 382 9.40 -15.25 38.21
C HIS A 382 7.91 -15.63 38.31
N GLY A 383 7.43 -16.35 37.31
CA GLY A 383 6.05 -16.77 37.29
C GLY A 383 5.06 -15.70 36.86
N ALA A 384 5.51 -14.48 36.64
CA ALA A 384 4.64 -13.38 36.21
C ALA A 384 4.72 -13.25 34.70
N ARG A 385 3.55 -13.20 34.05
CA ARG A 385 3.46 -13.17 32.60
C ARG A 385 2.94 -11.81 32.15
N LEU A 386 3.54 -11.28 31.09
CA LEU A 386 3.19 -9.98 30.52
C LEU A 386 2.89 -10.14 29.04
N LEU A 387 1.77 -9.57 28.61
CA LEU A 387 1.33 -9.64 27.22
C LEU A 387 1.56 -8.28 26.56
N LEU A 388 2.33 -8.29 25.47
CA LEU A 388 2.66 -7.07 24.74
C LEU A 388 1.97 -7.11 23.39
N GLY A 389 1.26 -6.03 23.07
CA GLY A 389 0.54 -5.93 21.82
C GLY A 389 0.87 -4.65 21.09
N LEU A 390 0.70 -4.69 19.77
CA LEU A 390 1.00 -3.56 18.89
C LEU A 390 -0.28 -3.10 18.21
N VAL A 391 -0.51 -1.79 18.21
CA VAL A 391 -1.69 -1.20 17.59
C VAL A 391 -1.27 0.06 16.86
N GLY A 392 -1.77 0.23 15.63
CA GLY A 392 -1.56 1.47 14.91
C GLY A 392 -0.40 1.45 13.94
N ASP A 393 0.24 2.61 13.75
CA ASP A 393 1.33 2.70 12.79
C ASP A 393 2.57 1.94 13.24
N CYS A 394 2.72 1.73 14.55
CA CYS A 394 3.84 0.92 15.03
C CYS A 394 3.70 -0.53 14.59
N LEU A 395 2.51 -0.96 14.20
CA LEU A 395 2.28 -2.31 13.70
C LEU A 395 2.45 -2.37 12.18
N VAL A 396 1.63 -1.62 11.44
CA VAL A 396 1.70 -1.57 9.99
C VAL A 396 1.72 -0.11 9.57
N GLU A 397 2.80 0.31 8.95
CA GLU A 397 2.92 1.69 8.48
C GLU A 397 2.08 1.89 7.23
N PRO A 398 1.21 2.89 7.18
CA PRO A 398 0.32 3.05 6.05
C PRO A 398 0.88 3.96 4.95
N PHE A 399 0.32 3.80 3.77
CA PHE A 399 0.56 4.71 2.66
C PHE A 399 -0.52 5.78 2.68
N TRP A 400 -0.12 7.04 2.82
CA TRP A 400 -1.09 8.11 3.07
C TRP A 400 -2.12 8.28 1.96
N PRO A 401 -1.75 8.31 0.68
CA PRO A 401 -2.78 8.47 -0.35
C PRO A 401 -3.83 7.37 -0.36
N LEU A 402 -3.49 6.16 0.09
CA LEU A 402 -4.45 5.08 0.09
C LEU A 402 -5.53 5.23 1.15
N GLY A 403 -5.25 5.97 2.23
CA GLY A 403 -6.25 6.22 3.25
C GLY A 403 -6.68 5.01 4.04
N THR A 404 -5.72 4.17 4.47
CA THR A 404 -6.03 2.97 5.23
C THR A 404 -5.54 3.02 6.67
N GLY A 405 -4.97 4.14 7.10
CA GLY A 405 -4.39 4.23 8.42
C GLY A 405 -5.36 4.08 9.57
N VAL A 406 -6.40 4.91 9.57
CA VAL A 406 -7.36 4.89 10.68
C VAL A 406 -8.12 3.56 10.70
N ALA A 407 -8.53 3.08 9.53
CA ALA A 407 -9.33 1.86 9.49
C ALA A 407 -8.55 0.65 10.01
N ARG A 408 -7.33 0.47 9.51
CA ARG A 408 -6.54 -0.67 9.97
C ARG A 408 -6.07 -0.49 11.40
N GLY A 409 -5.86 0.75 11.84
CA GLY A 409 -5.58 0.98 13.24
C GLY A 409 -6.73 0.57 14.14
N PHE A 410 -7.96 0.93 13.75
CA PHE A 410 -9.13 0.54 14.51
C PHE A 410 -9.33 -0.97 14.51
N LEU A 411 -9.09 -1.62 13.36
CA LEU A 411 -9.21 -3.07 13.31
C LEU A 411 -8.19 -3.74 14.22
N ALA A 412 -6.94 -3.24 14.22
CA ALA A 412 -5.92 -3.78 15.10
C ALA A 412 -6.29 -3.54 16.56
N ALA A 413 -6.87 -2.39 16.87
CA ALA A 413 -7.28 -2.11 18.25
C ALA A 413 -8.38 -3.07 18.70
N PHE A 414 -9.35 -3.34 17.83
CA PHE A 414 -10.41 -4.30 18.17
C PHE A 414 -9.82 -5.68 18.39
N ASP A 415 -8.90 -6.11 17.52
CA ASP A 415 -8.29 -7.43 17.67
C ASP A 415 -7.47 -7.51 18.96
N ALA A 416 -6.76 -6.43 19.30
CA ALA A 416 -5.99 -6.43 20.54
C ALA A 416 -6.90 -6.49 21.76
N ALA A 417 -8.02 -5.78 21.73
CA ALA A 417 -8.96 -5.86 22.84
C ALA A 417 -9.57 -7.26 22.95
N TRP A 418 -9.86 -7.89 21.83
CA TRP A 418 -10.34 -9.27 21.86
C TRP A 418 -9.29 -10.20 22.46
N MET A 419 -8.03 -10.00 22.08
CA MET A 419 -6.95 -10.80 22.64
C MET A 419 -6.83 -10.59 24.15
N VAL A 420 -6.98 -9.34 24.60
CA VAL A 420 -6.91 -9.06 26.04
C VAL A 420 -8.06 -9.74 26.77
N LYS A 421 -9.26 -9.69 26.20
CA LYS A 421 -10.40 -10.34 26.83
C LYS A 421 -10.18 -11.85 26.92
N ARG A 422 -9.65 -12.46 25.86
CA ARG A 422 -9.34 -13.89 25.92
C ARG A 422 -8.26 -14.17 26.95
N TRP A 423 -7.29 -13.27 27.08
CA TRP A 423 -6.22 -13.44 28.06
C TRP A 423 -6.75 -13.40 29.48
N ALA A 424 -7.69 -12.50 29.76
CA ALA A 424 -8.26 -12.40 31.09
C ALA A 424 -9.09 -13.62 31.46
N GLU A 425 -9.56 -14.38 30.48
CA GLU A 425 -10.36 -15.56 30.77
C GLU A 425 -9.52 -16.71 31.32
N GLY A 426 -8.20 -16.61 31.22
CA GLY A 426 -7.32 -17.66 31.69
C GLY A 426 -6.83 -18.62 30.63
N ALA A 427 -7.08 -18.34 29.35
CA ALA A 427 -6.62 -19.22 28.29
C ALA A 427 -5.10 -19.23 28.22
N GLU A 428 -4.55 -20.35 27.74
CA GLU A 428 -3.11 -20.51 27.69
C GLU A 428 -2.49 -19.51 26.71
N SER A 429 -1.23 -19.17 26.97
CA SER A 429 -0.56 -18.14 26.19
C SER A 429 -0.45 -18.54 24.72
N LEU A 430 -0.15 -19.81 24.46
CA LEU A 430 0.08 -20.24 23.08
C LEU A 430 -1.17 -20.11 22.24
N GLU A 431 -2.34 -20.50 22.77
CA GLU A 431 -3.56 -20.37 22.00
C GLU A 431 -3.92 -18.91 21.76
N VAL A 432 -3.69 -18.06 22.77
CA VAL A 432 -3.94 -16.63 22.61
C VAL A 432 -3.08 -16.06 21.48
N LEU A 433 -1.79 -16.39 21.50
CA LEU A 433 -0.88 -15.90 20.46
C LEU A 433 -1.27 -16.45 19.10
N ALA A 434 -1.68 -17.72 19.04
CA ALA A 434 -2.07 -18.32 17.77
C ALA A 434 -3.28 -17.61 17.18
N GLU A 435 -4.30 -17.34 18.02
CA GLU A 435 -5.46 -16.62 17.53
C GLU A 435 -5.10 -15.22 17.08
N ARG A 436 -4.24 -14.54 17.83
CA ARG A 436 -3.84 -13.19 17.45
C ARG A 436 -3.13 -13.18 16.11
N GLU A 437 -2.21 -14.13 15.90
CA GLU A 437 -1.49 -14.17 14.63
C GLU A 437 -2.41 -14.58 13.48
N SER A 438 -3.36 -15.47 13.74
CA SER A 438 -4.33 -15.83 12.71
C SER A 438 -5.13 -14.61 12.27
N LEU A 439 -5.56 -13.79 13.23
CA LEU A 439 -6.25 -12.56 12.89
C LEU A 439 -5.34 -11.58 12.16
N TYR A 440 -4.08 -11.46 12.61
CA TYR A 440 -3.17 -10.49 12.03
C TYR A 440 -2.80 -10.84 10.59
N GLN A 441 -2.87 -12.13 10.23
CA GLN A 441 -2.53 -12.53 8.86
C GLN A 441 -3.38 -11.84 7.81
N LEU A 442 -4.60 -11.39 8.15
CA LEU A 442 -5.51 -10.81 7.19
C LEU A 442 -5.47 -9.29 7.14
N LEU A 443 -4.69 -8.64 8.00
CA LEU A 443 -4.79 -7.19 8.12
C LEU A 443 -4.33 -6.49 6.85
N SER A 444 -3.26 -6.96 6.23
CA SER A 444 -2.69 -6.24 5.10
C SER A 444 -3.53 -6.34 3.83
N GLN A 445 -4.57 -7.18 3.82
CA GLN A 445 -5.45 -7.32 2.67
C GLN A 445 -6.87 -6.84 2.94
N THR A 446 -7.09 -6.16 4.07
CA THR A 446 -8.43 -5.70 4.42
C THR A 446 -8.89 -4.61 3.46
N SER A 447 -10.19 -4.59 3.19
CA SER A 447 -10.80 -3.66 2.27
C SER A 447 -12.26 -3.52 2.62
N PRO A 448 -12.91 -2.41 2.25
CA PRO A 448 -14.36 -2.31 2.47
C PRO A 448 -15.16 -3.34 1.70
N GLU A 449 -14.59 -3.95 0.67
CA GLU A 449 -15.33 -4.91 -0.16
C GLU A 449 -15.31 -6.33 0.38
N ASN A 450 -14.21 -6.74 1.05
CA ASN A 450 -14.06 -8.13 1.49
C ASN A 450 -14.34 -8.31 2.97
N MET A 451 -15.22 -7.49 3.53
CA MET A 451 -15.67 -7.61 4.91
C MET A 451 -17.20 -7.61 4.92
N HIS A 452 -17.77 -7.90 6.09
CA HIS A 452 -19.22 -7.87 6.22
C HIS A 452 -19.76 -6.48 5.88
N ARG A 453 -20.81 -6.46 5.05
CA ARG A 453 -21.44 -5.23 4.62
C ARG A 453 -22.29 -4.58 5.70
N ASN A 454 -22.63 -5.30 6.76
CA ASN A 454 -23.44 -4.77 7.86
C ASN A 454 -22.49 -4.18 8.88
N VAL A 455 -22.07 -2.93 8.64
CA VAL A 455 -21.10 -2.27 9.52
C VAL A 455 -21.69 -1.89 10.87
N ALA A 456 -23.02 -1.89 11.00
CA ALA A 456 -23.64 -1.53 12.27
C ALA A 456 -23.51 -2.60 13.33
N GLN A 457 -23.10 -3.82 12.97
CA GLN A 457 -23.01 -4.92 13.90
C GLN A 457 -21.57 -5.24 14.29
N TYR A 458 -20.64 -4.32 14.01
CA TYR A 458 -19.24 -4.56 14.34
C TYR A 458 -19.01 -4.54 15.83
N GLY A 459 -18.03 -5.30 16.27
CA GLY A 459 -17.72 -5.39 17.69
C GLY A 459 -16.39 -6.06 17.89
N LEU A 460 -16.11 -6.41 19.16
CA LEU A 460 -14.85 -7.05 19.48
C LEU A 460 -14.74 -8.40 18.81
N ASP A 461 -15.83 -9.15 18.75
CA ASP A 461 -15.80 -10.49 18.19
C ASP A 461 -15.44 -10.43 16.71
N PRO A 462 -14.38 -11.12 16.29
CA PRO A 462 -13.95 -11.03 14.88
C PRO A 462 -14.98 -11.53 13.89
N ALA A 463 -15.85 -12.46 14.30
CA ALA A 463 -16.83 -13.02 13.38
C ALA A 463 -17.82 -11.99 12.87
N THR A 464 -17.96 -10.86 13.57
CA THR A 464 -18.83 -9.78 13.12
C THR A 464 -18.16 -8.88 12.08
N ARG A 465 -16.88 -9.09 11.80
CA ARG A 465 -16.14 -8.25 10.87
C ARG A 465 -15.53 -9.01 9.70
N TYR A 466 -14.90 -10.17 9.96
CA TYR A 466 -14.18 -10.90 8.93
C TYR A 466 -15.03 -12.03 8.40
N PRO A 467 -15.40 -12.03 7.11
CA PRO A 467 -16.15 -13.16 6.56
C PRO A 467 -15.29 -14.40 6.45
N ASN A 468 -15.93 -15.56 6.59
CA ASN A 468 -15.29 -16.87 6.42
C ASN A 468 -14.05 -16.99 7.31
N LEU A 469 -14.17 -16.49 8.53
CA LEU A 469 -13.02 -16.41 9.42
C LEU A 469 -12.57 -17.79 9.87
N ASN A 470 -11.25 -17.98 9.91
CA ASN A 470 -10.64 -19.22 10.39
C ASN A 470 -9.72 -18.86 11.55
N LEU A 471 -10.19 -19.12 12.77
CA LEU A 471 -9.41 -18.83 13.96
C LEU A 471 -8.24 -19.79 14.15
N ARG A 472 -8.17 -20.87 13.37
CA ARG A 472 -7.10 -21.85 13.49
C ARG A 472 -6.14 -21.80 12.30
N ALA A 473 -6.09 -20.67 11.60
CA ALA A 473 -5.19 -20.56 10.46
C ALA A 473 -3.72 -20.62 10.86
N VAL A 474 -3.41 -20.37 12.13
CA VAL A 474 -2.05 -20.52 12.65
C VAL A 474 -2.13 -21.39 13.90
N THR A 475 -1.34 -22.47 13.90
CA THR A 475 -1.35 -23.42 15.00
C THR A 475 -0.44 -22.95 16.13
N PRO A 476 -0.70 -23.39 17.37
CA PRO A 476 0.14 -22.96 18.49
C PRO A 476 1.59 -23.37 18.37
N ASN A 477 1.91 -24.38 17.55
CA ASN A 477 3.30 -24.78 17.40
C ASN A 477 4.11 -23.77 16.59
N GLN A 478 3.46 -22.91 15.83
CA GLN A 478 4.15 -21.93 15.00
C GLN A 478 4.44 -20.63 15.73
N VAL A 479 3.98 -20.48 16.98
CA VAL A 479 4.16 -19.25 17.74
C VAL A 479 5.01 -19.47 18.98
N ARG A 480 5.71 -20.60 19.06
CA ARG A 480 6.52 -20.88 20.24
C ARG A 480 7.65 -19.89 20.42
N ASP A 481 8.15 -19.31 19.33
CA ASP A 481 9.21 -18.32 19.42
C ASP A 481 8.74 -16.99 19.98
N LEU A 482 7.44 -16.71 19.92
CA LEU A 482 6.89 -15.48 20.47
C LEU A 482 6.66 -15.54 21.96
N TYR A 483 6.91 -16.68 22.58
CA TYR A 483 6.79 -16.87 24.02
C TYR A 483 8.19 -16.94 24.61
N ASP A 484 8.47 -16.08 25.58
CA ASP A 484 9.79 -15.98 26.18
C ASP A 484 9.72 -16.33 27.67
N VAL A 485 10.72 -17.09 28.13
CA VAL A 485 10.82 -17.48 29.53
C VAL A 485 12.14 -16.97 30.08
N LEU A 486 12.10 -16.40 31.27
CA LEU A 486 13.29 -15.86 31.91
C LEU A 486 13.32 -16.20 33.40
N ALA A 508 19.30 -25.54 -4.48
CA ALA A 508 20.24 -26.49 -3.90
C ALA A 508 20.83 -27.41 -4.97
N GLY A 509 19.99 -28.26 -5.52
CA GLY A 509 20.41 -29.19 -6.56
C GLY A 509 19.51 -29.14 -7.78
N THR A 510 19.05 -27.93 -8.13
CA THR A 510 18.08 -27.78 -9.21
C THR A 510 18.64 -28.28 -10.54
N GLN A 511 19.96 -28.27 -10.71
CA GLN A 511 20.56 -28.61 -11.99
C GLN A 511 20.29 -30.06 -12.38
N GLU A 512 20.36 -30.99 -11.42
CA GLU A 512 20.14 -32.39 -11.74
C GLU A 512 18.70 -32.63 -12.18
N GLU A 513 17.73 -32.02 -11.50
CA GLU A 513 16.34 -32.16 -11.92
C GLU A 513 16.11 -31.51 -13.28
N LEU A 514 16.77 -30.39 -13.54
CA LEU A 514 16.66 -29.75 -14.85
C LEU A 514 17.16 -30.69 -15.95
N LEU A 515 18.33 -31.30 -15.73
CA LEU A 515 18.88 -32.20 -16.75
C LEU A 515 17.99 -33.43 -16.93
N ARG A 516 17.49 -33.99 -15.83
CA ARG A 516 16.62 -35.15 -15.93
C ARG A 516 15.34 -34.83 -16.67
N TRP A 517 14.76 -33.66 -16.38
CA TRP A 517 13.52 -33.26 -17.05
C TRP A 517 13.76 -33.03 -18.54
N CYS A 518 14.88 -32.40 -18.89
CA CYS A 518 15.21 -32.22 -20.30
C CYS A 518 15.38 -33.57 -20.99
N GLN A 519 16.06 -34.51 -20.33
CA GLN A 519 16.25 -35.84 -20.93
C GLN A 519 14.92 -36.54 -21.14
N GLU A 520 14.01 -36.47 -20.15
CA GLU A 520 12.75 -37.19 -20.28
C GLU A 520 11.81 -36.51 -21.26
N GLN A 521 11.89 -35.19 -21.40
CA GLN A 521 11.05 -34.51 -22.39
C GLN A 521 11.58 -34.71 -23.81
N THR A 522 12.90 -34.79 -23.98
CA THR A 522 13.48 -34.99 -25.30
C THR A 522 13.30 -36.42 -25.80
N ALA A 523 13.03 -37.37 -24.90
CA ALA A 523 12.91 -38.77 -25.29
C ALA A 523 11.71 -38.97 -26.21
N GLY A 524 11.82 -39.98 -27.08
CA GLY A 524 10.79 -40.27 -28.04
C GLY A 524 10.95 -39.56 -29.37
N TYR A 525 11.76 -38.50 -29.41
CA TYR A 525 12.01 -37.78 -30.66
C TYR A 525 13.16 -38.44 -31.39
N PRO A 526 12.98 -38.87 -32.64
CA PRO A 526 14.07 -39.52 -33.36
C PRO A 526 15.21 -38.56 -33.68
N GLY A 527 16.41 -39.11 -33.76
CA GLY A 527 17.58 -38.33 -34.14
C GLY A 527 17.97 -37.25 -33.17
N VAL A 528 17.97 -37.55 -31.86
CA VAL A 528 18.41 -36.59 -30.86
C VAL A 528 18.82 -37.37 -29.62
N HIS A 529 19.72 -36.79 -28.84
CA HIS A 529 20.11 -37.36 -27.55
C HIS A 529 20.65 -36.24 -26.69
N VAL A 530 20.30 -36.26 -25.41
CA VAL A 530 20.72 -35.25 -24.45
C VAL A 530 21.50 -35.94 -23.35
N SER A 531 22.81 -35.71 -23.31
CA SER A 531 23.67 -36.26 -22.28
C SER A 531 24.15 -35.24 -21.26
N ASP A 532 24.12 -33.96 -21.62
CA ASP A 532 24.53 -32.89 -20.70
C ASP A 532 23.54 -31.74 -20.88
N LEU A 533 23.91 -30.58 -20.34
CA LEU A 533 23.06 -29.40 -20.41
C LEU A 533 23.74 -28.23 -21.12
N SER A 534 24.95 -28.43 -21.65
CA SER A 534 25.71 -27.36 -22.28
C SER A 534 26.01 -27.63 -23.75
N SER A 535 26.49 -28.83 -24.08
CA SER A 535 26.91 -29.14 -25.44
C SER A 535 25.89 -29.92 -26.25
N SER A 536 24.92 -30.56 -25.60
CA SER A 536 23.93 -31.33 -26.34
C SER A 536 23.02 -30.47 -27.21
N TRP A 537 22.95 -29.17 -26.92
CA TRP A 537 22.07 -28.26 -27.66
C TRP A 537 22.77 -27.56 -28.81
N ALA A 538 24.04 -27.89 -29.08
CA ALA A 538 24.74 -27.27 -30.19
C ALA A 538 24.15 -27.68 -31.54
N ASP A 539 23.61 -28.91 -31.63
CA ASP A 539 23.03 -29.38 -32.89
C ASP A 539 21.83 -28.55 -33.28
N GLY A 540 21.08 -28.02 -32.30
CA GLY A 540 19.92 -27.21 -32.57
C GLY A 540 18.62 -27.96 -32.72
N LEU A 541 18.69 -29.29 -32.90
CA LEU A 541 17.47 -30.07 -33.04
C LEU A 541 16.77 -30.27 -31.69
N ALA A 542 17.52 -30.20 -30.60
CA ALA A 542 16.93 -30.45 -29.28
C ALA A 542 15.91 -29.39 -28.90
N LEU A 543 16.20 -28.11 -29.20
CA LEU A 543 15.24 -27.06 -28.88
C LEU A 543 13.94 -27.25 -29.63
N CYS A 544 14.02 -27.57 -30.92
CA CYS A 544 12.81 -27.81 -31.71
C CYS A 544 12.06 -29.02 -31.17
N ALA A 545 12.79 -30.07 -30.79
CA ALA A 545 12.14 -31.25 -30.22
C ALA A 545 11.39 -30.90 -28.95
N LEU A 546 12.01 -30.10 -28.08
CA LEU A 546 11.36 -29.70 -26.84
C LEU A 546 10.11 -28.88 -27.11
N VAL A 547 10.22 -27.91 -28.04
CA VAL A 547 9.07 -27.07 -28.37
C VAL A 547 7.93 -27.91 -28.93
N TYR A 548 8.26 -28.87 -29.80
CA TYR A 548 7.25 -29.76 -30.35
C TYR A 548 6.61 -30.62 -29.26
N ARG A 549 7.41 -31.08 -28.30
CA ARG A 549 6.87 -31.93 -27.24
C ARG A 549 5.93 -31.17 -26.33
N LEU A 550 6.24 -29.89 -26.05
CA LEU A 550 5.37 -29.12 -25.16
C LEU A 550 3.96 -28.98 -25.73
N GLN A 551 3.84 -28.70 -27.02
CA GLN A 551 2.53 -28.56 -27.67
C GLN A 551 2.48 -29.51 -28.87
N PRO A 552 1.71 -30.58 -28.81
CA PRO A 552 1.72 -31.57 -29.90
C PRO A 552 1.15 -31.00 -31.19
N GLY A 553 1.61 -31.55 -32.31
CA GLY A 553 1.06 -31.24 -33.61
C GLY A 553 1.23 -29.81 -34.09
N LEU A 554 2.47 -29.31 -34.04
CA LEU A 554 2.77 -27.96 -34.51
C LEU A 554 3.44 -27.97 -35.89
N LEU A 555 4.57 -28.64 -36.02
CA LEU A 555 5.30 -28.70 -37.28
C LEU A 555 6.36 -29.80 -37.18
N GLU A 556 6.86 -30.21 -38.35
CA GLU A 556 7.89 -31.24 -38.46
C GLU A 556 8.48 -31.33 -39.87
N PRO A 557 7.67 -31.50 -40.93
CA PRO A 557 8.26 -31.80 -42.25
C PRO A 557 9.20 -30.73 -42.78
N SER A 558 8.96 -29.45 -42.48
CA SER A 558 9.77 -28.38 -43.06
C SER A 558 11.22 -28.48 -42.60
N GLU A 559 11.46 -28.77 -41.34
CA GLU A 559 12.83 -28.83 -40.81
C GLU A 559 13.56 -30.10 -41.20
N LEU A 560 12.85 -31.24 -41.26
CA LEU A 560 13.51 -32.51 -41.56
C LEU A 560 14.13 -32.50 -42.95
N GLN A 561 13.36 -32.08 -43.95
CA GLN A 561 13.86 -32.01 -45.32
C GLN A 561 14.63 -30.73 -45.59
N GLY A 562 14.51 -29.72 -44.73
CA GLY A 562 15.26 -28.50 -44.90
C GLY A 562 16.67 -28.60 -44.35
N LEU A 563 17.50 -27.62 -44.70
CA LEU A 563 18.89 -27.61 -44.24
C LEU A 563 18.97 -27.50 -42.73
N GLY A 564 18.30 -26.50 -42.16
CA GLY A 564 18.30 -26.33 -40.71
C GLY A 564 19.66 -26.04 -40.12
N ALA A 565 20.48 -25.26 -40.80
CA ALA A 565 21.80 -24.88 -40.30
C ALA A 565 21.69 -23.50 -39.67
N LEU A 566 21.56 -23.48 -38.34
CA LEU A 566 21.47 -22.27 -37.53
C LEU A 566 20.11 -21.61 -37.73
N GLU A 567 19.33 -22.10 -38.69
CA GLU A 567 17.97 -21.61 -38.86
C GLU A 567 16.99 -22.35 -37.97
N ALA A 568 17.28 -23.61 -37.63
CA ALA A 568 16.43 -24.35 -36.71
C ALA A 568 16.40 -23.70 -35.34
N THR A 569 17.55 -23.24 -34.86
CA THR A 569 17.62 -22.58 -33.55
C THR A 569 16.81 -21.29 -33.56
N ALA A 570 16.98 -20.48 -34.61
CA ALA A 570 16.24 -19.22 -34.68
C ALA A 570 14.75 -19.46 -34.79
N TRP A 571 14.35 -20.46 -35.57
CA TRP A 571 12.92 -20.79 -35.67
C TRP A 571 12.37 -21.26 -34.34
N ALA A 572 13.14 -22.07 -33.62
CA ALA A 572 12.70 -22.53 -32.30
C ALA A 572 12.54 -21.36 -31.34
N LEU A 573 13.50 -20.43 -31.36
CA LEU A 573 13.39 -19.25 -30.49
C LEU A 573 12.15 -18.43 -30.84
N LYS A 574 11.93 -18.20 -32.13
CA LYS A 574 10.79 -17.39 -32.56
C LYS A 574 9.47 -18.05 -32.20
N VAL A 575 9.35 -19.35 -32.44
CA VAL A 575 8.09 -20.04 -32.15
C VAL A 575 7.87 -20.13 -30.64
N ALA A 576 8.93 -20.30 -29.85
CA ALA A 576 8.76 -20.32 -28.40
C ALA A 576 8.32 -18.96 -27.89
N GLU A 577 8.90 -17.89 -28.44
CA GLU A 577 8.51 -16.55 -28.02
C GLU A 577 7.06 -16.24 -28.41
N ASN A 578 6.66 -16.61 -29.62
CA ASN A 578 5.37 -16.20 -30.15
C ASN A 578 4.23 -17.14 -29.77
N GLU A 579 4.52 -18.36 -29.32
CA GLU A 579 3.47 -19.32 -29.00
C GLU A 579 3.51 -19.82 -27.57
N LEU A 580 4.69 -20.12 -27.03
CA LEU A 580 4.81 -20.61 -25.67
C LEU A 580 4.94 -19.49 -24.64
N GLY A 581 5.07 -18.25 -25.09
CA GLY A 581 5.15 -17.12 -24.17
C GLY A 581 6.38 -17.12 -23.30
N ILE A 582 7.55 -17.45 -23.85
CA ILE A 582 8.80 -17.44 -23.12
C ILE A 582 9.77 -16.55 -23.88
N THR A 583 10.14 -15.43 -23.26
CA THR A 583 11.08 -14.50 -23.88
C THR A 583 12.47 -15.13 -23.94
N PRO A 584 13.23 -14.86 -24.99
CA PRO A 584 14.57 -15.44 -25.10
C PRO A 584 15.57 -14.71 -24.22
N VAL A 585 16.49 -15.47 -23.65
CA VAL A 585 17.55 -14.90 -22.83
C VAL A 585 18.91 -14.95 -23.53
N VAL A 586 19.11 -15.88 -24.46
CA VAL A 586 20.38 -16.03 -25.16
C VAL A 586 20.11 -16.10 -26.65
N SER A 587 20.96 -15.46 -27.43
CA SER A 587 20.78 -15.42 -28.88
C SER A 587 21.10 -16.78 -29.50
N ALA A 588 20.49 -17.02 -30.67
CA ALA A 588 20.73 -18.28 -31.38
C ALA A 588 22.18 -18.42 -31.82
N GLN A 589 22.82 -17.31 -32.21
CA GLN A 589 24.23 -17.37 -32.56
C GLN A 589 25.07 -17.83 -31.37
N ALA A 590 24.78 -17.30 -30.19
CA ALA A 590 25.48 -17.76 -28.99
C ALA A 590 25.12 -19.21 -28.66
N VAL A 591 23.91 -19.64 -29.01
CA VAL A 591 23.52 -21.03 -28.76
C VAL A 591 24.35 -21.98 -29.61
N VAL A 592 24.45 -21.69 -30.91
CA VAL A 592 25.21 -22.57 -31.79
C VAL A 592 26.71 -22.47 -31.50
N ALA A 593 27.19 -21.27 -31.18
CA ALA A 593 28.61 -21.09 -30.85
C ALA A 593 28.95 -21.61 -29.46
N GLY A 594 27.99 -21.65 -28.54
CA GLY A 594 28.27 -22.10 -27.20
C GLY A 594 29.06 -21.14 -26.36
N SER A 595 29.09 -19.86 -26.72
CA SER A 595 29.86 -18.86 -26.00
C SER A 595 29.09 -18.23 -24.85
N ASP A 596 27.80 -18.57 -24.69
CA ASP A 596 26.98 -18.06 -23.59
C ASP A 596 26.28 -19.23 -22.92
N PRO A 597 26.99 -20.00 -22.10
CA PRO A 597 26.34 -21.16 -21.46
C PRO A 597 25.33 -20.76 -20.40
N LEU A 598 25.63 -19.73 -19.60
CA LEU A 598 24.72 -19.33 -18.53
C LEU A 598 23.39 -18.83 -19.08
N GLY A 599 23.41 -18.15 -20.23
CA GLY A 599 22.16 -17.76 -20.86
C GLY A 599 21.31 -18.94 -21.26
N LEU A 600 21.94 -19.98 -21.80
CA LEU A 600 21.20 -21.20 -22.14
C LEU A 600 20.65 -21.86 -20.89
N ILE A 601 21.42 -21.85 -19.81
CA ILE A 601 20.94 -22.44 -18.55
C ILE A 601 19.73 -21.67 -18.05
N ALA A 602 19.77 -20.34 -18.12
CA ALA A 602 18.63 -19.53 -17.68
C ALA A 602 17.41 -19.78 -18.55
N TYR A 603 17.60 -19.90 -19.86
CA TYR A 603 16.49 -20.20 -20.77
C TYR A 603 15.86 -21.54 -20.41
N LEU A 604 16.68 -22.57 -20.22
CA LEU A 604 16.16 -23.88 -19.88
C LEU A 604 15.49 -23.87 -18.50
N SER A 605 16.00 -23.08 -17.57
CA SER A 605 15.36 -22.96 -16.27
C SER A 605 14.01 -22.28 -16.37
N HIS A 606 13.88 -21.29 -17.27
CA HIS A 606 12.56 -20.70 -17.50
C HIS A 606 11.60 -21.72 -18.09
N PHE A 607 12.07 -22.55 -19.02
CA PHE A 607 11.24 -23.65 -19.51
C PHE A 607 10.81 -24.57 -18.38
N HIS A 608 11.74 -24.93 -17.51
CA HIS A 608 11.44 -25.85 -16.41
C HIS A 608 10.42 -25.25 -15.45
N SER A 609 10.56 -23.96 -15.14
CA SER A 609 9.67 -23.31 -14.19
C SER A 609 8.29 -23.04 -14.79
N ALA A 610 8.21 -22.83 -16.10
CA ALA A 610 6.92 -22.51 -16.71
C ALA A 610 5.96 -23.68 -16.64
N PHE A 611 6.42 -24.88 -16.99
CA PHE A 611 5.61 -26.09 -16.98
C PHE A 611 6.08 -27.05 -15.90
N LYS A 612 6.44 -26.52 -14.74
CA LYS A 612 6.87 -27.36 -13.62
C LYS A 612 5.76 -28.28 -13.16
N SER A 613 4.54 -27.77 -13.07
CA SER A 613 3.41 -28.55 -12.60
C SER A 613 2.67 -29.20 -13.77
N SER A 630 -1.64 -17.03 -20.98
CA SER A 630 -0.97 -16.21 -19.97
C SER A 630 -1.03 -14.74 -20.35
N ALA A 631 -0.70 -13.87 -19.40
CA ALA A 631 -0.77 -12.43 -19.64
C ALA A 631 0.40 -11.92 -20.46
N VAL A 632 1.59 -12.51 -20.28
CA VAL A 632 2.77 -12.03 -21.01
C VAL A 632 2.59 -12.22 -22.51
N LEU A 633 2.11 -13.40 -22.91
CA LEU A 633 1.89 -13.68 -24.33
C LEU A 633 0.82 -12.76 -24.91
N PHE A 634 -0.25 -12.51 -24.15
CA PHE A 634 -1.30 -11.62 -24.62
C PHE A 634 -0.78 -10.20 -24.81
N LEU A 635 0.01 -9.70 -23.86
CA LEU A 635 0.58 -8.37 -24.01
C LEU A 635 1.52 -8.31 -25.21
N SER A 636 2.34 -9.35 -25.40
CA SER A 636 3.27 -9.37 -26.53
C SER A 636 2.52 -9.35 -27.85
N LYS A 637 1.46 -10.15 -27.96
CA LYS A 637 0.71 -10.17 -29.22
C LYS A 637 -0.06 -8.87 -29.43
N LEU A 638 -0.54 -8.25 -28.36
CA LEU A 638 -1.19 -6.95 -28.49
C LEU A 638 -0.21 -5.90 -29.00
N GLN A 639 1.01 -5.90 -28.45
CA GLN A 639 2.03 -4.97 -28.94
C GLN A 639 2.37 -5.25 -30.39
N ARG A 640 2.44 -6.52 -30.78
CA ARG A 640 2.71 -6.86 -32.17
C ARG A 640 1.61 -6.35 -33.09
N THR A 641 0.34 -6.52 -32.68
CA THR A 641 -0.77 -6.02 -33.50
C THR A 641 -0.75 -4.51 -33.60
N LEU A 642 -0.42 -3.82 -32.50
CA LEU A 642 -0.32 -2.36 -32.56
C LEU A 642 0.81 -1.94 -33.48
N GLN A 643 1.93 -2.66 -33.48
CA GLN A 643 3.03 -2.35 -34.39
C GLN A 643 2.63 -2.58 -35.84
N ARG A 644 1.87 -3.66 -36.10
CA ARG A 644 1.42 -3.93 -37.45
C ARG A 644 0.37 -2.92 -37.91
N SER A 645 -0.41 -2.37 -36.99
CA SER A 645 -1.54 -1.52 -37.36
C SER A 645 -1.12 -0.26 -38.10
N ARG A 646 0.16 0.12 -38.05
CA ARG A 646 0.60 1.28 -38.80
C ARG A 646 0.64 1.05 -40.29
N ALA A 647 0.45 -0.19 -40.74
CA ALA A 647 0.38 -0.49 -42.16
C ALA A 647 -1.03 -0.30 -42.67
N LEU A 696 26.46 -6.83 -24.03
CA LEU A 696 26.72 -5.43 -24.35
C LEU A 696 25.44 -4.71 -24.75
N CYS A 697 24.95 -3.85 -23.86
CA CYS A 697 23.74 -3.08 -24.14
C CYS A 697 23.97 -2.15 -25.32
N ALA A 698 22.98 -2.05 -26.20
CA ALA A 698 23.09 -1.22 -27.39
C ALA A 698 22.78 0.25 -27.12
N LEU A 699 22.37 0.60 -25.89
CA LEU A 699 22.04 1.97 -25.54
C LEU A 699 23.10 2.65 -24.68
N CYS A 700 23.71 1.92 -23.74
CA CYS A 700 24.66 2.49 -22.81
C CYS A 700 26.06 1.91 -22.90
N GLY A 701 26.24 0.78 -23.57
CA GLY A 701 27.55 0.24 -23.86
C GLY A 701 28.20 -0.56 -22.75
N GLU A 702 27.60 -0.63 -21.56
CA GLU A 702 28.13 -1.51 -20.53
C GLU A 702 27.66 -2.95 -20.73
N HIS A 703 28.38 -3.88 -20.10
CA HIS A 703 28.20 -5.30 -20.36
C HIS A 703 26.88 -5.79 -19.75
N LEU A 704 26.11 -6.52 -20.55
CA LEU A 704 24.85 -7.12 -20.08
C LEU A 704 25.12 -8.44 -19.37
N TYR A 705 24.31 -8.73 -18.36
CA TYR A 705 24.40 -9.98 -17.62
C TYR A 705 23.14 -10.79 -17.85
N VAL A 706 23.10 -11.98 -17.24
CA VAL A 706 22.07 -12.95 -17.57
C VAL A 706 20.69 -12.48 -17.10
N LEU A 707 20.64 -11.76 -15.98
CA LEU A 707 19.35 -11.35 -15.43
C LEU A 707 18.87 -10.00 -15.96
N GLU A 708 19.78 -9.08 -16.27
CA GLU A 708 19.37 -7.76 -16.74
C GLU A 708 18.94 -7.76 -18.19
N ARG A 709 19.08 -8.87 -18.90
CA ARG A 709 18.76 -8.91 -20.32
C ARG A 709 17.25 -8.76 -20.54
N LEU A 710 16.90 -7.99 -21.56
CA LEU A 710 15.53 -7.89 -22.04
C LEU A 710 15.58 -7.84 -23.55
N CYS A 711 14.92 -8.79 -24.21
CA CYS A 711 15.03 -8.96 -25.65
C CYS A 711 13.78 -8.42 -26.35
N VAL A 712 13.99 -7.53 -27.31
CA VAL A 712 12.91 -7.03 -28.14
C VAL A 712 13.48 -6.65 -29.49
N ASN A 713 12.73 -6.96 -30.56
CA ASN A 713 13.15 -6.71 -31.93
C ASN A 713 14.49 -7.39 -32.24
N GLY A 714 14.77 -8.51 -31.59
CA GLY A 714 16.01 -9.22 -31.79
C GLY A 714 17.22 -8.58 -31.14
N HIS A 715 17.03 -7.58 -30.31
CA HIS A 715 18.13 -6.89 -29.64
C HIS A 715 17.95 -6.95 -28.14
N PHE A 716 19.07 -7.00 -27.43
CA PHE A 716 19.07 -7.12 -25.97
C PHE A 716 19.45 -5.79 -25.34
N PHE A 717 18.66 -5.37 -24.34
CA PHE A 717 18.93 -4.16 -23.59
C PHE A 717 18.88 -4.47 -22.11
N HIS A 718 19.35 -3.52 -21.31
CA HIS A 718 19.10 -3.58 -19.88
C HIS A 718 17.61 -3.39 -19.62
N ARG A 719 17.09 -4.09 -18.62
CA ARG A 719 15.69 -3.90 -18.25
C ARG A 719 15.44 -2.47 -17.79
N SER A 720 16.45 -1.81 -17.26
CA SER A 720 16.34 -0.43 -16.80
C SER A 720 16.61 0.59 -17.91
N CYS A 721 17.14 0.16 -19.05
CA CYS A 721 17.39 1.05 -20.18
C CYS A 721 16.18 1.21 -21.10
N PHE A 722 15.11 0.47 -20.87
CA PHE A 722 13.94 0.50 -21.75
C PHE A 722 12.98 1.55 -21.22
N ARG A 723 13.17 2.79 -21.67
CA ARG A 723 12.37 3.90 -21.18
C ARG A 723 12.12 4.89 -22.32
N CYS A 724 11.06 5.67 -22.18
CA CYS A 724 10.79 6.73 -23.15
C CYS A 724 11.88 7.79 -23.09
N HIS A 725 12.20 8.35 -24.25
CA HIS A 725 13.27 9.33 -24.30
C HIS A 725 12.88 10.64 -23.65
N THR A 726 11.61 11.04 -23.74
CA THR A 726 11.19 12.33 -23.20
C THR A 726 10.92 12.27 -21.71
N CYS A 727 9.93 11.47 -21.29
CA CYS A 727 9.51 11.46 -19.90
C CYS A 727 10.32 10.49 -19.03
N GLU A 728 11.20 9.70 -19.64
CA GLU A 728 12.03 8.74 -18.91
C GLU A 728 11.17 7.79 -18.07
N ALA A 729 10.05 7.37 -18.63
CA ALA A 729 9.14 6.46 -17.95
C ALA A 729 9.32 5.05 -18.51
N THR A 730 9.10 4.07 -17.64
CA THR A 730 9.29 2.67 -18.02
C THR A 730 8.32 2.29 -19.12
N LEU A 731 8.83 1.61 -20.15
CA LEU A 731 8.02 1.16 -21.27
C LEU A 731 7.49 -0.24 -21.02
N TRP A 732 6.26 -0.48 -21.46
CA TRP A 732 5.61 -1.77 -21.36
C TRP A 732 4.95 -2.12 -22.68
N PRO A 733 4.79 -3.41 -22.98
CA PRO A 733 4.20 -3.79 -24.27
C PRO A 733 2.80 -3.22 -24.43
N GLY A 734 2.49 -2.84 -25.66
CA GLY A 734 1.20 -2.24 -25.97
C GLY A 734 1.13 -0.74 -25.82
N GLY A 735 2.19 -0.09 -25.35
CA GLY A 735 2.16 1.34 -25.14
C GLY A 735 3.43 2.06 -25.54
N TYR A 736 4.27 1.41 -26.35
CA TYR A 736 5.51 2.00 -26.81
C TYR A 736 5.67 1.75 -28.30
N GLU A 737 6.49 2.58 -28.94
CA GLU A 737 6.77 2.50 -30.36
C GLU A 737 8.21 2.93 -30.60
N GLN A 738 8.74 2.54 -31.76
CA GLN A 738 10.11 2.82 -32.14
C GLN A 738 10.13 3.66 -33.41
N HIS A 739 10.95 4.72 -33.42
CA HIS A 739 11.13 5.51 -34.62
C HIS A 739 12.40 5.10 -35.33
N PRO A 740 12.31 4.51 -36.54
CA PRO A 740 13.53 4.14 -37.26
C PRO A 740 14.37 5.33 -37.68
N GLY A 741 13.79 6.53 -37.74
CA GLY A 741 14.58 7.70 -38.10
C GLY A 741 15.65 8.02 -37.09
N ASP A 742 15.34 7.87 -35.80
CA ASP A 742 16.30 8.14 -34.74
C ASP A 742 16.74 6.90 -33.99
N GLY A 743 16.05 5.77 -34.17
CA GLY A 743 16.38 4.56 -33.44
C GLY A 743 16.04 4.59 -31.97
N HIS A 744 15.06 5.41 -31.57
CA HIS A 744 14.67 5.55 -30.18
C HIS A 744 13.25 5.03 -29.96
N PHE A 745 12.90 4.92 -28.69
CA PHE A 745 11.60 4.43 -28.25
C PHE A 745 10.84 5.55 -27.56
N TYR A 746 9.54 5.65 -27.86
CA TYR A 746 8.67 6.66 -27.27
C TYR A 746 7.34 6.02 -26.91
N CYS A 747 6.75 6.49 -25.81
CA CYS A 747 5.44 6.02 -25.42
C CYS A 747 4.36 6.67 -26.28
N LEU A 748 3.15 6.12 -26.21
CA LEU A 748 2.05 6.63 -27.01
C LEU A 748 1.74 8.08 -26.69
N GLN A 749 1.96 8.48 -25.43
CA GLN A 749 1.72 9.87 -25.03
C GLN A 749 2.89 10.79 -25.35
N HIS A 750 3.97 10.26 -25.91
CA HIS A 750 5.11 11.06 -26.32
C HIS A 750 5.58 10.71 -27.73
N LEU A 751 4.89 9.82 -28.41
CA LEU A 751 5.31 9.39 -29.74
C LEU A 751 5.09 10.54 -30.72
N PRO A 752 6.12 11.00 -31.43
CA PRO A 752 5.98 12.09 -32.39
C PRO A 752 5.10 11.71 -33.58
N PRO A 907 -36.54 12.76 0.29
CA PRO A 907 -36.02 12.45 1.62
C PRO A 907 -34.51 12.26 1.63
N THR A 908 -34.04 11.10 2.11
CA THR A 908 -32.63 10.77 2.14
C THR A 908 -32.19 9.98 0.91
N TRP A 909 -33.08 9.82 -0.08
CA TRP A 909 -32.70 9.12 -1.30
C TRP A 909 -31.54 9.82 -2.01
N ARG A 910 -31.59 11.15 -2.10
CA ARG A 910 -30.50 11.89 -2.71
C ARG A 910 -29.22 11.72 -1.91
N ARG A 911 -29.31 11.74 -0.58
CA ARG A 911 -28.13 11.54 0.25
C ARG A 911 -27.49 10.20 0.00
N THR A 912 -28.29 9.13 -0.01
CA THR A 912 -27.75 7.79 -0.23
C THR A 912 -27.15 7.67 -1.63
N LEU A 913 -27.82 8.22 -2.64
CA LEU A 913 -27.29 8.15 -3.99
C LEU A 913 -25.94 8.85 -4.09
N LEU A 914 -25.84 10.05 -3.53
CA LEU A 914 -24.58 10.79 -3.59
C LEU A 914 -23.48 10.07 -2.82
N ARG A 915 -23.83 9.50 -1.66
CA ARG A 915 -22.82 8.79 -0.87
C ARG A 915 -22.31 7.56 -1.62
N ARG A 916 -23.20 6.80 -2.25
CA ARG A 916 -22.76 5.64 -3.03
C ARG A 916 -21.89 6.06 -4.21
N ALA A 917 -22.25 7.16 -4.88
CA ALA A 917 -21.43 7.63 -5.99
C ALA A 917 -20.03 8.01 -5.52
N LYS A 918 -19.95 8.72 -4.38
CA LYS A 918 -18.64 9.10 -3.85
C LYS A 918 -17.83 7.88 -3.45
N GLU A 919 -18.49 6.88 -2.86
CA GLU A 919 -17.78 5.66 -2.48
C GLU A 919 -17.25 4.92 -3.71
N GLU A 920 -18.02 4.88 -4.79
CA GLU A 920 -17.54 4.24 -6.01
C GLU A 920 -16.33 4.97 -6.59
N GLU A 921 -16.38 6.30 -6.61
CA GLU A 921 -15.22 7.06 -7.08
C GLU A 921 -13.99 6.78 -6.23
N MET A 922 -14.18 6.73 -4.91
CA MET A 922 -13.06 6.43 -4.02
C MET A 922 -12.52 5.03 -4.28
N LYS A 923 -13.41 4.08 -4.57
CA LYS A 923 -12.97 2.72 -4.87
C LYS A 923 -12.11 2.69 -6.13
N ARG A 924 -12.52 3.41 -7.17
CA ARG A 924 -11.72 3.46 -8.39
C ARG A 924 -10.34 4.05 -8.13
N PHE A 925 -10.30 5.17 -7.39
CA PHE A 925 -9.01 5.78 -7.10
C PHE A 925 -8.13 4.84 -6.28
N CYS A 926 -8.71 4.16 -5.30
CA CYS A 926 -7.94 3.24 -4.47
C CYS A 926 -7.38 2.09 -5.30
N LYS A 927 -8.17 1.56 -6.22
CA LYS A 927 -7.67 0.50 -7.10
C LYS A 927 -6.47 0.97 -7.91
N ALA A 928 -6.58 2.15 -8.51
CA ALA A 928 -5.47 2.66 -9.29
C ALA A 928 -4.23 2.89 -8.43
N GLN A 929 -4.42 3.45 -7.24
CA GLN A 929 -3.28 3.74 -6.37
C GLN A 929 -2.61 2.47 -5.90
N THR A 930 -3.39 1.43 -5.59
CA THR A 930 -2.82 0.16 -5.19
C THR A 930 -2.00 -0.45 -6.32
N ILE A 931 -2.51 -0.35 -7.55
CA ILE A 931 -1.76 -0.85 -8.70
C ILE A 931 -0.42 -0.13 -8.81
N GLN A 932 -0.44 1.20 -8.68
CA GLN A 932 0.80 1.96 -8.80
C GLN A 932 1.80 1.59 -7.72
N ARG A 933 1.34 1.46 -6.48
CA ARG A 933 2.24 1.10 -5.38
C ARG A 933 2.85 -0.28 -5.59
N ARG A 934 2.04 -1.25 -6.03
CA ARG A 934 2.56 -2.58 -6.29
C ARG A 934 3.59 -2.57 -7.41
N LEU A 935 3.35 -1.75 -8.44
CA LEU A 935 4.33 -1.64 -9.53
C LEU A 935 5.66 -1.09 -9.02
N ASN A 936 5.60 -0.08 -8.15
CA ASN A 936 6.83 0.47 -7.60
C ASN A 936 7.58 -0.57 -6.78
N GLU A 937 6.85 -1.34 -5.96
CA GLU A 937 7.48 -2.39 -5.17
C GLU A 937 8.14 -3.44 -6.06
N ILE A 938 7.45 -3.83 -7.14
CA ILE A 938 8.00 -4.82 -8.06
C ILE A 938 9.28 -4.31 -8.71
N GLU A 939 9.28 -3.04 -9.13
CA GLU A 939 10.48 -2.47 -9.75
C GLU A 939 11.66 -2.48 -8.77
N ALA A 940 11.41 -2.10 -7.51
CA ALA A 940 12.49 -2.12 -6.53
C ALA A 940 13.02 -3.52 -6.30
N ALA A 941 12.12 -4.51 -6.17
CA ALA A 941 12.55 -5.89 -5.97
C ALA A 941 13.36 -6.39 -7.15
N LEU A 942 12.94 -6.06 -8.36
CA LEU A 942 13.68 -6.47 -9.55
C LEU A 942 15.07 -5.87 -9.56
N ARG A 943 15.19 -4.59 -9.20
CA ARG A 943 16.51 -3.97 -9.14
C ARG A 943 17.40 -4.68 -8.13
N GLU A 944 16.86 -4.98 -6.95
CA GLU A 944 17.65 -5.65 -5.92
C GLU A 944 18.13 -7.02 -6.38
N LEU A 945 17.21 -7.81 -6.94
CA LEU A 945 17.59 -9.17 -7.35
C LEU A 945 18.58 -9.14 -8.52
N GLU A 946 18.41 -8.19 -9.44
CA GLU A 946 19.38 -8.07 -10.53
C GLU A 946 20.77 -7.71 -10.00
N ALA A 947 20.84 -6.79 -9.03
CA ALA A 947 22.14 -6.45 -8.46
C ALA A 947 22.78 -7.67 -7.80
N GLU A 948 22.00 -8.42 -7.01
CA GLU A 948 22.55 -9.59 -6.35
C GLU A 948 23.01 -10.63 -7.36
N GLY A 949 22.22 -10.86 -8.41
CA GLY A 949 22.60 -11.84 -9.42
C GLY A 949 23.84 -11.44 -10.18
N VAL A 950 23.98 -10.14 -10.47
CA VAL A 950 25.20 -9.67 -11.13
C VAL A 950 26.40 -9.91 -10.23
N LYS A 951 26.27 -9.62 -8.94
CA LYS A 951 27.37 -9.88 -8.02
C LYS A 951 27.75 -11.35 -8.03
N LEU A 952 26.74 -12.23 -7.95
CA LEU A 952 26.98 -13.67 -7.92
C LEU A 952 27.64 -14.14 -9.21
N GLU A 953 27.13 -13.69 -10.36
CA GLU A 953 27.66 -14.14 -11.64
C GLU A 953 29.07 -13.64 -11.87
N LEU A 954 29.35 -12.39 -11.50
CA LEU A 954 30.70 -11.86 -11.61
C LEU A 954 31.66 -12.64 -10.71
N ALA A 955 31.23 -12.96 -9.49
CA ALA A 955 32.08 -13.76 -8.61
C ALA A 955 32.34 -15.14 -9.20
N LEU A 956 31.31 -15.76 -9.78
CA LEU A 956 31.48 -17.08 -10.38
C LEU A 956 32.43 -17.02 -11.57
N ARG A 957 32.33 -15.99 -12.39
CA ARG A 957 33.18 -15.90 -13.58
C ARG A 957 34.62 -15.61 -13.22
N ARG A 958 34.85 -14.65 -12.30
CA ARG A 958 36.21 -14.20 -12.04
C ARG A 958 37.06 -15.29 -11.38
N GLN A 959 36.49 -16.02 -10.41
CA GLN A 959 37.25 -17.04 -9.70
C GLN A 959 36.96 -18.39 -10.35
N SER A 960 37.79 -18.74 -11.34
CA SER A 960 37.64 -19.96 -12.10
C SER A 960 38.36 -21.16 -11.48
N SER A 961 39.02 -20.97 -10.34
CA SER A 961 39.68 -22.06 -9.64
C SER A 961 38.89 -22.56 -8.44
N SER A 962 37.62 -22.20 -8.34
CA SER A 962 36.80 -22.59 -7.21
C SER A 962 36.52 -24.09 -7.23
N PRO A 963 36.21 -24.68 -6.08
CA PRO A 963 35.79 -26.08 -6.05
C PRO A 963 34.48 -26.26 -6.80
N GLU A 964 34.29 -27.47 -7.35
CA GLU A 964 33.15 -27.74 -8.21
C GLU A 964 31.83 -27.64 -7.44
N GLN A 965 31.81 -28.10 -6.19
CA GLN A 965 30.57 -28.07 -5.40
C GLN A 965 30.12 -26.64 -5.15
N GLN A 966 31.06 -25.73 -4.89
CA GLN A 966 30.69 -24.32 -4.74
C GLN A 966 30.11 -23.76 -6.04
N LYS A 967 30.66 -24.19 -7.18
CA LYS A 967 30.11 -23.78 -8.46
C LYS A 967 28.68 -24.28 -8.62
N LYS A 968 28.43 -25.53 -8.23
CA LYS A 968 27.06 -26.06 -8.26
C LYS A 968 26.13 -25.22 -7.40
N LEU A 969 26.58 -24.86 -6.20
CA LEU A 969 25.76 -24.04 -5.31
C LEU A 969 25.45 -22.68 -5.94
N TRP A 970 26.46 -22.07 -6.56
CA TRP A 970 26.25 -20.77 -7.20
C TRP A 970 25.26 -20.86 -8.36
N VAL A 971 25.36 -21.91 -9.17
CA VAL A 971 24.40 -22.07 -10.27
C VAL A 971 22.99 -22.30 -9.72
N GLY A 972 22.88 -23.06 -8.62
CA GLY A 972 21.57 -23.25 -8.01
C GLY A 972 20.97 -21.94 -7.53
N GLN A 973 21.77 -21.11 -6.88
CA GLN A 973 21.29 -19.80 -6.43
C GLN A 973 20.89 -18.95 -7.63
N LEU A 974 21.66 -19.00 -8.71
CA LEU A 974 21.32 -18.24 -9.91
C LEU A 974 19.98 -18.69 -10.48
N LEU A 975 19.73 -20.01 -10.51
CA LEU A 975 18.45 -20.50 -11.02
C LEU A 975 17.30 -20.06 -10.12
N GLN A 976 17.51 -20.05 -8.80
CA GLN A 976 16.47 -19.56 -7.91
C GLN A 976 16.18 -18.08 -8.18
N LEU A 977 17.23 -17.28 -8.40
CA LEU A 977 17.03 -15.88 -8.74
C LEU A 977 16.26 -15.73 -10.04
N VAL A 978 16.57 -16.57 -11.03
CA VAL A 978 15.86 -16.52 -12.31
C VAL A 978 14.38 -16.82 -12.11
N ASP A 979 14.07 -17.83 -11.28
CA ASP A 979 12.69 -18.16 -10.99
C ASP A 979 11.96 -16.98 -10.35
N LYS A 980 12.61 -16.34 -9.37
CA LYS A 980 11.98 -15.20 -8.72
C LYS A 980 11.74 -14.07 -9.71
N LYS A 981 12.71 -13.79 -10.57
CA LYS A 981 12.55 -12.72 -11.55
C LYS A 981 11.41 -13.02 -12.51
N ASN A 982 11.29 -14.27 -12.96
CA ASN A 982 10.20 -14.63 -13.86
C ASN A 982 8.85 -14.48 -13.18
N SER A 983 8.75 -14.87 -11.91
CA SER A 983 7.49 -14.71 -11.18
C SER A 983 7.12 -13.23 -11.06
N LEU A 984 8.10 -12.39 -10.75
CA LEU A 984 7.82 -10.96 -10.64
C LEU A 984 7.37 -10.37 -11.97
N VAL A 985 8.01 -10.79 -13.07
CA VAL A 985 7.63 -10.30 -14.38
C VAL A 985 6.20 -10.72 -14.72
N ALA A 986 5.84 -11.96 -14.40
CA ALA A 986 4.47 -12.42 -14.64
C ALA A 986 3.46 -11.60 -13.85
N GLU A 987 3.77 -11.31 -12.58
CA GLU A 987 2.87 -10.48 -11.78
C GLU A 987 2.73 -9.09 -12.38
N GLU A 988 3.84 -8.50 -12.83
CA GLU A 988 3.79 -7.17 -13.43
C GLU A 988 2.94 -7.17 -14.70
N ALA A 989 3.05 -8.22 -15.51
CA ALA A 989 2.20 -8.31 -16.70
C ALA A 989 0.72 -8.42 -16.31
N GLU A 990 0.43 -9.20 -15.27
CA GLU A 990 -0.95 -9.27 -14.79
C GLU A 990 -1.47 -7.89 -14.40
N LEU A 991 -0.65 -7.10 -13.71
CA LEU A 991 -1.06 -5.75 -13.35
C LEU A 991 -1.27 -4.87 -14.57
N MET A 992 -0.37 -4.95 -15.55
CA MET A 992 -0.50 -4.12 -16.74
C MET A 992 -1.73 -4.47 -17.56
N ILE A 993 -2.24 -5.70 -17.45
CA ILE A 993 -3.52 -6.01 -18.08
C ILE A 993 -4.62 -5.08 -17.56
N THR A 994 -4.74 -4.97 -16.24
CA THR A 994 -5.78 -4.12 -15.66
C THR A 994 -5.51 -2.65 -15.95
N VAL A 995 -4.23 -2.26 -15.94
CA VAL A 995 -3.89 -0.88 -16.29
C VAL A 995 -4.37 -0.56 -17.69
N GLN A 996 -4.15 -1.48 -18.64
CA GLN A 996 -4.61 -1.28 -20.01
C GLN A 996 -6.12 -1.18 -20.07
N GLU A 997 -6.83 -2.04 -19.35
CA GLU A 997 -8.29 -1.95 -19.31
C GLU A 997 -8.75 -0.57 -18.87
N LEU A 998 -8.17 -0.07 -17.77
CA LEU A 998 -8.56 1.24 -17.26
C LEU A 998 -8.21 2.35 -18.25
N ASN A 999 -7.04 2.27 -18.88
CA ASN A 999 -6.62 3.31 -19.83
C ASN A 999 -7.57 3.38 -21.01
N LEU A 1000 -7.91 2.23 -21.59
CA LEU A 1000 -8.86 2.23 -22.70
C LEU A 1000 -10.24 2.70 -22.28
N GLU A 1001 -10.70 2.33 -21.08
CA GLU A 1001 -12.00 2.82 -20.64
C GLU A 1001 -12.02 4.35 -20.55
N GLU A 1002 -10.98 4.92 -19.94
CA GLU A 1002 -10.90 6.38 -19.82
C GLU A 1002 -10.81 7.04 -21.18
N LYS A 1003 -9.98 6.49 -22.07
CA LYS A 1003 -9.84 7.07 -23.40
C LYS A 1003 -11.15 7.02 -24.17
N GLN A 1004 -11.89 5.91 -24.04
CA GLN A 1004 -13.18 5.80 -24.70
C GLN A 1004 -14.16 6.85 -24.17
N TRP A 1005 -14.20 7.02 -22.85
CA TRP A 1005 -15.10 8.03 -22.31
C TRP A 1005 -14.76 9.42 -22.83
N GLN A 1006 -13.47 9.76 -22.84
CA GLN A 1006 -13.06 11.07 -23.32
C GLN A 1006 -13.40 11.24 -24.79
N LEU A 1007 -13.21 10.18 -25.58
CA LEU A 1007 -13.49 10.26 -27.01
C LEU A 1007 -14.97 10.43 -27.27
N ASP A 1008 -15.83 9.73 -26.52
CA ASP A 1008 -17.27 9.92 -26.71
C ASP A 1008 -17.70 11.31 -26.27
N GLN A 1009 -17.07 11.86 -25.22
CA GLN A 1009 -17.38 13.24 -24.86
C GLN A 1009 -16.99 14.20 -25.98
N GLU A 1010 -15.81 14.00 -26.57
CA GLU A 1010 -15.41 14.85 -27.69
C GLU A 1010 -16.35 14.69 -28.87
N LEU A 1011 -16.78 13.46 -29.15
CA LEU A 1011 -17.71 13.22 -30.25
C LEU A 1011 -19.05 13.91 -30.02
N ARG A 1012 -19.58 13.82 -28.80
CA ARG A 1012 -20.85 14.46 -28.53
C ARG A 1012 -20.71 15.99 -28.51
N GLY A 1013 -19.53 16.49 -28.17
CA GLY A 1013 -19.29 17.92 -28.32
C GLY A 1013 -19.27 18.35 -29.77
N TYR A 1014 -18.64 17.55 -30.63
CA TYR A 1014 -18.61 17.85 -32.05
C TYR A 1014 -20.01 17.75 -32.66
N MET A 1015 -20.79 16.77 -32.23
CA MET A 1015 -22.11 16.50 -32.80
C MET A 1015 -23.17 17.49 -32.34
N ASN A 1016 -22.83 18.40 -31.43
CA ASN A 1016 -23.81 19.38 -30.97
C ASN A 1016 -24.10 20.44 -32.02
N ARG A 1017 -23.13 20.73 -32.89
CA ARG A 1017 -23.37 21.68 -33.97
C ARG A 1017 -24.41 21.13 -34.95
N GLU A 1018 -25.28 22.02 -35.42
CA GLU A 1018 -26.36 21.64 -36.32
C GLU A 1018 -25.94 21.88 -37.77
N GLU A 1019 -26.90 21.79 -38.68
CA GLU A 1019 -26.60 21.97 -40.11
C GLU A 1019 -26.12 23.38 -40.41
N ASN A 1020 -26.63 24.37 -39.67
CA ASN A 1020 -26.20 25.75 -39.88
C ASN A 1020 -24.71 25.92 -39.59
N LEU A 1021 -24.23 25.28 -38.52
CA LEU A 1021 -22.81 25.34 -38.15
C LEU A 1021 -22.14 24.09 -38.72
N LYS A 1022 -21.70 24.19 -39.97
CA LYS A 1022 -21.04 23.09 -40.64
C LYS A 1022 -19.87 23.62 -41.47
N THR A 1023 -18.76 22.89 -41.44
CA THR A 1023 -17.57 23.27 -42.19
C THR A 1023 -16.72 22.03 -42.39
N ALA A 1024 -15.66 22.20 -43.19
CA ALA A 1024 -14.74 21.08 -43.42
C ALA A 1024 -14.02 20.67 -42.14
N ALA A 1025 -13.85 21.60 -41.20
CA ALA A 1025 -13.21 21.27 -39.93
C ALA A 1025 -14.04 20.27 -39.13
N ASP A 1026 -15.36 20.46 -39.08
CA ASP A 1026 -16.23 19.53 -38.38
C ASP A 1026 -16.21 18.16 -39.04
N ARG A 1027 -16.26 18.12 -40.37
CA ARG A 1027 -16.21 16.86 -41.09
C ARG A 1027 -14.89 16.13 -40.84
N GLN A 1028 -13.77 16.86 -40.88
CA GLN A 1028 -12.48 16.23 -40.61
C GLN A 1028 -12.39 15.72 -39.19
N ALA A 1029 -12.94 16.48 -38.23
CA ALA A 1029 -12.92 16.03 -36.85
C ALA A 1029 -13.73 14.76 -36.68
N GLU A 1030 -14.91 14.69 -37.29
CA GLU A 1030 -15.71 13.47 -37.24
C GLU A 1030 -14.96 12.30 -37.87
N ASP A 1031 -14.34 12.54 -39.03
CA ASP A 1031 -13.62 11.47 -39.72
C ASP A 1031 -12.46 10.95 -38.87
N GLN A 1032 -11.73 11.85 -38.23
CA GLN A 1032 -10.59 11.43 -37.44
C GLN A 1032 -11.01 10.76 -36.15
N VAL A 1033 -12.17 11.13 -35.59
CA VAL A 1033 -12.55 10.54 -34.32
C VAL A 1033 -13.25 9.18 -34.52
N LEU A 1034 -13.93 8.99 -35.65
CA LEU A 1034 -14.68 7.75 -35.84
C LEU A 1034 -13.76 6.53 -35.88
N ARG A 1035 -12.63 6.64 -36.59
CA ARG A 1035 -11.71 5.51 -36.66
C ARG A 1035 -11.09 5.23 -35.29
N LYS A 1036 -10.87 6.28 -34.50
CA LYS A 1036 -10.37 6.09 -33.15
C LYS A 1036 -11.37 5.31 -32.31
N LEU A 1037 -12.65 5.69 -32.39
CA LEU A 1037 -13.68 4.92 -31.66
C LEU A 1037 -13.72 3.47 -32.15
N VAL A 1038 -13.59 3.26 -33.46
CA VAL A 1038 -13.60 1.90 -34.00
C VAL A 1038 -12.45 1.09 -33.40
N ASP A 1039 -11.26 1.68 -33.36
CA ASP A 1039 -10.10 0.96 -32.85
C ASP A 1039 -10.24 0.65 -31.37
N LEU A 1040 -10.67 1.64 -30.57
CA LEU A 1040 -10.83 1.38 -29.14
C LEU A 1040 -11.92 0.36 -28.86
N VAL A 1041 -13.04 0.39 -29.60
CA VAL A 1041 -14.06 -0.62 -29.34
C VAL A 1041 -13.56 -1.99 -29.76
N ASN A 1042 -12.80 -2.08 -30.86
CA ASN A 1042 -12.23 -3.37 -31.24
C ASN A 1042 -11.30 -3.90 -30.16
N GLN A 1043 -10.46 -3.03 -29.60
CA GLN A 1043 -9.57 -3.45 -28.52
C GLN A 1043 -10.37 -3.86 -27.28
N ARG A 1044 -11.48 -3.18 -27.00
CA ARG A 1044 -12.32 -3.55 -25.87
C ARG A 1044 -12.92 -4.93 -26.06
N ASP A 1045 -13.39 -5.24 -27.28
CA ASP A 1045 -13.87 -6.60 -27.54
C ASP A 1045 -12.74 -7.62 -27.40
N ALA A 1046 -11.53 -7.27 -27.85
CA ALA A 1046 -10.41 -8.19 -27.68
C ALA A 1046 -10.14 -8.47 -26.21
N LEU A 1047 -10.14 -7.42 -25.38
CA LEU A 1047 -9.89 -7.60 -23.95
C LEU A 1047 -10.99 -8.41 -23.28
N ILE A 1048 -12.26 -8.13 -23.61
CA ILE A 1048 -13.33 -8.88 -22.97
C ILE A 1048 -13.32 -10.32 -23.44
N ARG A 1049 -12.91 -10.57 -24.69
CA ARG A 1049 -12.74 -11.94 -25.16
C ARG A 1049 -11.66 -12.65 -24.35
N PHE A 1050 -10.54 -11.97 -24.10
CA PHE A 1050 -9.46 -12.57 -23.31
C PHE A 1050 -9.94 -12.88 -21.89
N GLN A 1051 -10.68 -11.95 -21.28
CA GLN A 1051 -11.17 -12.17 -19.93
C GLN A 1051 -12.19 -13.31 -19.88
N GLU A 1052 -13.07 -13.38 -20.88
CA GLU A 1052 -14.05 -14.47 -20.95
C GLU A 1052 -13.34 -15.81 -21.08
N GLU A 1053 -12.32 -15.88 -21.94
CA GLU A 1053 -11.57 -17.12 -22.10
C GLU A 1053 -10.88 -17.52 -20.80
N ARG A 1054 -10.28 -16.54 -20.12
CA ARG A 1054 -9.62 -16.83 -18.85
C ARG A 1054 -10.60 -17.35 -17.82
N ARG A 1055 -11.78 -16.73 -17.72
CA ARG A 1055 -12.78 -17.18 -16.76
C ARG A 1055 -13.29 -18.57 -17.11
N LEU A 1056 -13.49 -18.85 -18.40
CA LEU A 1056 -13.92 -20.18 -18.81
C LEU A 1056 -12.88 -21.23 -18.46
N SER A 1057 -11.61 -20.92 -18.68
CA SER A 1057 -10.54 -21.84 -18.29
C SER A 1057 -10.51 -22.06 -16.78
N GLU A 1058 -10.70 -20.98 -16.01
CA GLU A 1058 -10.72 -21.11 -14.55
C GLU A 1058 -11.86 -22.00 -14.09
N LEU A 1059 -13.04 -21.84 -14.68
CA LEU A 1059 -14.20 -22.64 -14.29
C LEU A 1059 -14.22 -24.01 -14.97
N ALA A 1060 -13.28 -24.28 -15.88
CA ALA A 1060 -13.20 -25.61 -16.48
C ALA A 1060 -12.85 -26.67 -15.43
N LEU A 1061 -11.95 -26.34 -14.51
CA LEU A 1061 -11.56 -27.28 -13.46
C LEU A 1061 -12.21 -26.92 -12.12
PA FAD B . 0.74 8.43 16.03
O1A FAD B . -0.53 9.14 16.27
O2A FAD B . 1.67 9.10 15.03
O5B FAD B . 1.52 8.18 17.38
C5B FAD B . 0.83 8.12 18.64
C4B FAD B . 1.46 9.07 19.64
O4B FAD B . 2.45 8.37 20.41
C3B FAD B . 2.21 10.26 19.05
O3B FAD B . 1.34 11.38 18.96
C2B FAD B . 3.36 10.51 20.03
O2B FAD B . 3.19 11.74 20.73
C1B FAD B . 3.27 9.34 21.02
N9A FAD B . 4.54 8.73 21.35
C8A FAD B . 5.57 8.44 20.50
N7A FAD B . 6.62 7.90 21.08
C5A FAD B . 6.24 7.83 22.41
C6A FAD B . 6.91 7.35 23.56
N6A FAD B . 8.14 6.84 23.54
N1A FAD B . 6.27 7.43 24.73
C2A FAD B . 5.03 7.95 24.76
N3A FAD B . 4.31 8.43 23.75
C4A FAD B . 4.97 8.34 22.59
N1 FAD B . -1.86 9.87 7.82
C2 FAD B . -2.63 10.17 6.73
O2 FAD B . -3.48 9.37 6.31
N3 FAD B . -2.49 11.38 6.10
C4 FAD B . -1.61 12.38 6.44
O4 FAD B . -1.56 13.42 5.79
C4X FAD B . -0.78 12.05 7.59
N5 FAD B . 0.08 12.93 7.99
C5X FAD B . 0.87 12.63 9.08
C6 FAD B . 1.80 13.56 9.52
C7 FAD B . 2.62 13.30 10.62
C7M FAD B . 3.62 14.33 11.06
C8 FAD B . 2.50 12.07 11.29
C8M FAD B . 3.37 11.76 12.48
C9 FAD B . 1.56 11.14 10.85
C9A FAD B . 0.76 11.40 9.76
N10 FAD B . -0.20 10.48 9.30
C10 FAD B . -0.99 10.77 8.21
C1' FAD B . -0.37 9.19 9.95
C2' FAD B . -1.51 9.17 10.96
O2' FAD B . -1.18 9.94 12.11
C3' FAD B . -1.79 7.73 11.38
O3' FAD B . -2.21 7.00 10.24
C4' FAD B . -2.85 7.59 12.48
O4' FAD B . -2.98 8.85 13.14
C5' FAD B . -2.52 6.51 13.49
O5' FAD B . -1.87 7.10 14.63
P FAD B . -0.96 6.25 15.59
O1P FAD B . -0.85 4.86 15.12
O2P FAD B . -1.46 6.39 17.02
O3P FAD B . 0.45 6.96 15.49
ZN ZN C . 21.95 -0.53 -20.96
ZN ZN D . 7.17 9.45 -22.81
#